data_5W6S
#
_entry.id   5W6S
#
_cell.length_a   185.227
_cell.length_b   185.227
_cell.length_c   185.227
_cell.angle_alpha   90.00
_cell.angle_beta   90.00
_cell.angle_gamma   90.00
#
_symmetry.space_group_name_H-M   'P 43 3 2'
#
loop_
_entity.id
_entity.type
_entity.pdbx_description
1 polymer 'tailspike protein 2'
2 branched beta-D-glucopyranose-(1-3)-2-acetamido-2-deoxy-alpha-D-galactopyranose-(1-2)-4-acetamido-4,6-dideoxy-beta-D-mannopyranose-(1-3)-alpha-L-fucopyranose
3 non-polymer 'TRIETHYLENE GLYCOL'
4 non-polymer 'TETRAETHYLENE GLYCOL'
5 non-polymer 'SULFATE ION'
6 non-polymer 1,2-ETHANEDIOL
7 non-polymer 'SODIUM ION'
8 non-polymer 'POTASSIUM ION'
9 non-polymer 'CHLORIDE ION'
10 water water
#
_entity_poly.entity_id   1
_entity_poly.type   'polypeptide(L)'
_entity_poly.pdbx_seq_one_letter_code
;GSGSDSFINVINTLGRNDGAKYIGECHSVADLRNTEPTMDGQRIILKQHTAGTLLGGGVFRALIDGTGKTDNNGTVIKTV
GGAAWLRVNADRVNPFMFGALGGSNDDTIPVQSCVDSGKATQLTDAHYVSNIQLKYNTSSIYGSGLHYSRLHQLPSATGN
CITIKDTCSLIVLDAFGVYGTGAQQGTSFTAGTTGIYVETPSGLSADYPFHTTADPRRDLCISKVHIAGFDEYGLNIDSG
NFSVTTDSLLVNHINQVGVRCATTDWTWTNIQVNTCGKQCLVLDGCGNGRIIGGKFIWANWQPYGTVGQFPGITINNSQN
MVINGIEVQDCGGNGIEISESYSISMNGLNTNRNGINANNTFYNIVFNKSDAVINGFVGLNYAANSGSGANSSAGNFQFL
SNDCSVTINGVVETGYMGINFIGDNNIINPTNSDLSINGLVNYSKTGLQTMNETPTFDGVSTTPVYVSVPSSVGQVNGLR
LSQANKDKLLYSRTAGPEGITMAAVIVPTISGAEVFNFMAIGSGFSDTSNSLHLQLVIDASGKQTIALLLGGDGTTQILS
GDLPNDLKLQSGVPYHIAIGAKPGYFWWSILNIQTGKRIRRSFRGAYLAVPFNSIFGLTSSLTFFSDSNAGGDACSGVGA
KVYVGMFSSENDYVASRYYNLINPVDPTKLISYRILDSSI
;
_entity_poly.pdbx_strand_id   A
#
loop_
_chem_comp.id
_chem_comp.type
_chem_comp.name
_chem_comp.formula
9WJ D-saccharide, beta linking 4-acetamido-4,6-dideoxy-beta-D-mannopyranose 'C8 H15 N O5'
A2G D-saccharide, alpha linking 2-acetamido-2-deoxy-alpha-D-galactopyranose 'C8 H15 N O6'
BGC D-saccharide, beta linking beta-D-glucopyranose 'C6 H12 O6'
CL non-polymer 'CHLORIDE ION' 'Cl -1'
EDO non-polymer 1,2-ETHANEDIOL 'C2 H6 O2'
FUC L-saccharide, alpha linking alpha-L-fucopyranose 'C6 H12 O5'
K non-polymer 'POTASSIUM ION' 'K 1'
NA non-polymer 'SODIUM ION' 'Na 1'
PG4 non-polymer 'TETRAETHYLENE GLYCOL' 'C8 H18 O5'
PGE non-polymer 'TRIETHYLENE GLYCOL' 'C6 H14 O4'
SO4 non-polymer 'SULFATE ION' 'O4 S -2'
#
# COMPACT_ATOMS: atom_id res chain seq x y z
N ASP A 5 42.61 71.44 -6.58
CA ASP A 5 41.30 71.56 -5.95
C ASP A 5 40.85 70.23 -5.37
N SER A 6 40.72 70.16 -4.04
CA SER A 6 40.33 68.92 -3.39
C SER A 6 38.94 68.45 -3.80
N PHE A 7 38.19 69.25 -4.57
CA PHE A 7 36.92 68.79 -5.10
C PHE A 7 37.12 67.70 -6.15
N ILE A 8 38.00 67.96 -7.12
CA ILE A 8 38.36 66.94 -8.11
C ILE A 8 38.91 65.69 -7.43
N ASN A 9 39.71 65.88 -6.38
CA ASN A 9 40.23 64.74 -5.64
C ASN A 9 39.12 63.85 -5.11
N VAL A 10 38.06 64.47 -4.56
CA VAL A 10 36.97 63.68 -3.99
C VAL A 10 36.20 62.96 -5.09
N ILE A 11 35.92 63.65 -6.19
CA ILE A 11 35.18 63.00 -7.28
C ILE A 11 36.00 61.85 -7.86
N ASN A 12 37.29 62.06 -8.07
CA ASN A 12 38.12 60.99 -8.62
C ASN A 12 38.27 59.84 -7.62
N THR A 13 38.35 60.15 -6.32
CA THR A 13 38.44 59.09 -5.33
C THR A 13 37.14 58.29 -5.25
N LEU A 14 35.99 58.98 -5.23
CA LEU A 14 34.72 58.27 -5.19
C LEU A 14 34.47 57.51 -6.48
N GLY A 15 35.00 58.00 -7.60
CA GLY A 15 34.78 57.39 -8.89
C GLY A 15 35.62 56.19 -9.20
N ARG A 16 36.52 55.78 -8.30
CA ARG A 16 37.26 54.55 -8.51
C ARG A 16 36.31 53.36 -8.50
N ASN A 17 36.71 52.28 -9.17
CA ASN A 17 35.81 51.15 -9.31
C ASN A 17 35.42 50.54 -7.97
N ASP A 18 36.23 50.72 -6.93
CA ASP A 18 35.87 50.28 -5.59
C ASP A 18 35.26 51.40 -4.76
N GLY A 19 34.83 52.50 -5.39
CA GLY A 19 34.41 53.69 -4.69
C GLY A 19 33.26 53.51 -3.73
N ALA A 20 32.47 52.44 -3.88
CA ALA A 20 31.35 52.25 -2.97
C ALA A 20 31.80 52.10 -1.52
N LYS A 21 33.06 51.72 -1.30
CA LYS A 21 33.57 51.53 0.06
C LYS A 21 33.51 52.81 0.87
N TYR A 22 33.51 53.97 0.21
CA TYR A 22 33.53 55.26 0.91
C TYR A 22 32.18 55.66 1.47
N ILE A 23 31.10 54.97 1.09
CA ILE A 23 29.78 55.26 1.64
C ILE A 23 29.64 54.45 2.92
N GLY A 24 29.57 55.13 4.05
CA GLY A 24 29.41 54.45 5.32
C GLY A 24 28.12 53.66 5.38
N GLU A 25 28.04 52.79 6.39
CA GLU A 25 26.86 51.96 6.56
C GLU A 25 26.68 51.60 8.02
N CYS A 26 25.49 51.10 8.33
CA CYS A 26 25.17 50.68 9.68
C CYS A 26 25.73 49.29 9.94
N HIS A 27 26.39 49.12 11.09
CA HIS A 27 27.07 47.88 11.44
C HIS A 27 26.10 46.78 11.88
N SER A 28 24.92 47.15 12.37
CA SER A 28 23.99 46.20 12.97
C SER A 28 22.66 46.90 13.19
N VAL A 29 21.61 46.11 13.40
CA VAL A 29 20.31 46.72 13.71
C VAL A 29 20.38 47.43 15.06
N ALA A 30 21.22 46.93 15.98
CA ALA A 30 21.43 47.63 17.24
C ALA A 30 21.99 49.03 16.98
N ASP A 31 23.01 49.13 16.13
CA ASP A 31 23.50 50.45 15.72
C ASP A 31 22.40 51.25 15.04
N LEU A 32 21.53 50.57 14.29
CA LEU A 32 20.50 51.27 13.52
C LEU A 32 19.50 51.95 14.45
N ARG A 33 19.17 51.33 15.58
CA ARG A 33 18.22 51.93 16.52
C ARG A 33 18.76 53.22 17.11
N ASN A 34 20.07 53.43 17.07
CA ASN A 34 20.70 54.65 17.58
C ASN A 34 20.98 55.66 16.49
N THR A 35 20.51 55.41 15.28
CA THR A 35 20.79 56.28 14.13
C THR A 35 19.49 56.98 13.74
N GLU A 36 19.37 58.23 14.17
CA GLU A 36 18.18 59.01 13.87
C GLU A 36 18.28 59.59 12.46
N PRO A 37 17.25 59.43 11.65
CA PRO A 37 17.25 60.08 10.33
C PRO A 37 16.95 61.56 10.45
N THR A 38 17.45 62.33 9.49
CA THR A 38 17.12 63.75 9.39
C THR A 38 16.28 64.09 8.16
N MET A 39 15.98 63.10 7.31
CA MET A 39 15.12 63.29 6.15
C MET A 39 14.12 62.15 6.07
N ASP A 40 12.90 62.47 5.65
CA ASP A 40 11.90 61.42 5.45
C ASP A 40 12.25 60.58 4.23
N GLY A 41 12.04 59.27 4.36
CA GLY A 41 12.47 58.37 3.30
C GLY A 41 13.97 58.33 3.13
N GLN A 42 14.71 58.80 4.12
CA GLN A 42 16.17 58.78 4.05
C GLN A 42 16.67 57.36 3.86
N ARG A 43 17.65 57.20 2.97
CA ARG A 43 18.20 55.90 2.66
C ARG A 43 19.41 55.63 3.56
N ILE A 44 19.45 54.43 4.14
CA ILE A 44 20.61 53.96 4.89
C ILE A 44 20.92 52.53 4.45
N ILE A 45 22.20 52.19 4.49
CA ILE A 45 22.68 50.86 4.19
C ILE A 45 22.95 50.13 5.49
N LEU A 46 22.38 48.95 5.65
CA LEU A 46 22.65 48.09 6.80
C LEU A 46 23.61 46.99 6.37
N LYS A 47 24.79 46.94 7.00
CA LYS A 47 25.81 45.97 6.61
C LYS A 47 25.35 44.54 6.89
N GLN A 48 24.62 44.35 7.98
CA GLN A 48 24.30 43.03 8.51
C GLN A 48 23.35 43.24 9.69
N HIS A 49 22.56 42.20 10.00
CA HIS A 49 21.64 42.29 11.12
C HIS A 49 22.38 42.28 12.44
N THR A 50 23.26 41.30 12.63
CA THR A 50 23.99 41.12 13.87
C THR A 50 25.49 41.24 13.61
N ALA A 51 26.17 41.92 14.53
CA ALA A 51 27.58 42.21 14.35
C ALA A 51 28.40 40.94 14.15
N GLY A 52 29.23 40.94 13.11
CA GLY A 52 30.15 39.86 12.86
C GLY A 52 29.68 38.78 11.92
N THR A 53 28.53 38.96 11.26
CA THR A 53 27.91 37.89 10.49
C THR A 53 27.96 38.08 8.99
N LEU A 54 27.90 39.32 8.50
CA LEU A 54 27.69 39.58 7.08
C LEU A 54 26.37 39.01 6.59
N LEU A 55 25.43 38.76 7.51
CA LEU A 55 24.14 38.20 7.19
C LEU A 55 23.04 39.19 7.56
N GLY A 56 21.99 39.24 6.73
CA GLY A 56 20.81 40.03 7.04
C GLY A 56 20.89 41.50 6.68
N GLY A 57 21.91 41.94 5.95
CA GLY A 57 22.02 43.33 5.57
C GLY A 57 21.00 43.72 4.52
N GLY A 58 21.03 45.00 4.16
CA GLY A 58 20.14 45.51 3.13
C GLY A 58 20.07 47.03 3.20
N VAL A 59 19.02 47.56 2.58
CA VAL A 59 18.77 48.99 2.52
C VAL A 59 17.49 49.27 3.29
N PHE A 60 17.52 50.31 4.10
CA PHE A 60 16.36 50.74 4.87
C PHE A 60 16.03 52.19 4.51
N ARG A 61 14.77 52.56 4.69
CA ARG A 61 14.32 53.93 4.49
C ARG A 61 13.54 54.38 5.71
N ALA A 62 13.64 55.68 6.02
CA ALA A 62 13.23 56.20 7.32
C ALA A 62 11.83 56.81 7.27
N LEU A 63 11.08 56.57 8.34
CA LEU A 63 9.92 57.36 8.70
C LEU A 63 10.28 58.08 10.00
N ILE A 64 10.53 59.39 9.91
CA ILE A 64 10.86 60.15 11.10
C ILE A 64 9.78 59.98 12.16
N ASP A 65 8.53 59.86 11.74
CA ASP A 65 7.40 59.65 12.65
C ASP A 65 7.06 58.16 12.66
N GLY A 66 7.79 57.41 13.46
CA GLY A 66 7.48 56.01 13.68
C GLY A 66 6.31 55.88 14.63
N THR A 67 5.10 56.12 14.12
CA THR A 67 3.88 56.02 14.91
C THR A 67 2.95 55.03 14.23
N GLY A 68 2.45 54.07 14.99
CA GLY A 68 1.74 52.95 14.41
C GLY A 68 2.64 51.89 13.81
N LYS A 69 3.96 52.04 13.94
CA LYS A 69 4.92 51.05 13.49
C LYS A 69 5.57 50.39 14.71
N THR A 70 5.73 49.07 14.65
CA THR A 70 6.25 48.28 15.75
C THR A 70 7.55 47.61 15.34
N ASP A 71 8.59 47.76 16.17
CA ASP A 71 9.85 47.10 15.91
C ASP A 71 9.67 45.59 15.91
N ASN A 72 10.17 44.92 14.86
CA ASN A 72 10.08 43.48 14.76
C ASN A 72 11.45 42.81 14.62
N ASN A 73 12.53 43.57 14.69
CA ASN A 73 13.90 43.07 14.68
C ASN A 73 14.33 42.53 13.32
N GLY A 74 13.70 42.97 12.23
CA GLY A 74 14.08 42.49 10.92
C GLY A 74 13.76 43.43 9.78
N THR A 75 12.52 43.89 9.71
CA THR A 75 12.07 44.76 8.62
C THR A 75 11.52 46.09 9.10
N VAL A 76 11.20 46.21 10.39
CA VAL A 76 10.77 47.45 11.01
C VAL A 76 11.66 47.65 12.23
N ILE A 77 12.55 48.64 12.18
CA ILE A 77 13.49 48.93 13.25
C ILE A 77 13.23 50.35 13.72
N LYS A 78 12.89 50.50 14.99
CA LYS A 78 12.56 51.81 15.53
C LYS A 78 13.72 52.36 16.36
N THR A 79 13.87 53.68 16.31
CA THR A 79 14.96 54.38 16.98
C THR A 79 14.52 54.85 18.35
N VAL A 80 15.51 55.17 19.19
CA VAL A 80 15.21 55.79 20.48
C VAL A 80 14.37 57.05 20.26
N GLY A 81 14.63 57.76 19.16
CA GLY A 81 13.93 58.98 18.82
C GLY A 81 12.53 58.82 18.28
N GLY A 82 12.07 57.59 18.07
CA GLY A 82 10.72 57.35 17.60
C GLY A 82 10.55 57.21 16.10
N ALA A 83 11.64 57.30 15.34
CA ALA A 83 11.57 57.06 13.91
C ALA A 83 11.59 55.56 13.62
N ALA A 84 11.15 55.20 12.42
CA ALA A 84 11.11 53.82 11.97
C ALA A 84 11.98 53.66 10.73
N TRP A 85 12.92 52.72 10.78
CA TRP A 85 13.65 52.29 9.60
C TRP A 85 12.94 51.07 9.02
N LEU A 86 12.59 51.16 7.74
CA LEU A 86 11.80 50.13 7.06
C LEU A 86 12.66 49.46 6.00
N ARG A 87 12.78 48.13 6.07
CA ARG A 87 13.59 47.41 5.11
C ARG A 87 12.98 47.55 3.72
N VAL A 88 13.79 47.99 2.76
CA VAL A 88 13.35 47.99 1.38
C VAL A 88 13.21 46.53 0.98
N ASN A 89 11.98 46.06 0.91
CA ASN A 89 11.71 44.63 0.68
C ASN A 89 10.24 44.50 0.29
N ALA A 90 10.00 44.32 -1.01
CA ALA A 90 8.64 44.31 -1.51
C ALA A 90 7.91 43.01 -1.15
N ASP A 91 8.61 41.87 -1.27
CA ASP A 91 7.92 40.58 -1.22
C ASP A 91 8.25 39.80 0.04
N ARG A 92 8.87 38.62 -0.10
CA ARG A 92 8.99 37.68 1.00
C ARG A 92 10.13 38.06 1.94
N VAL A 93 9.99 37.67 3.20
CA VAL A 93 11.04 37.82 4.18
C VAL A 93 11.75 36.47 4.29
N ASN A 94 12.98 36.51 4.76
CA ASN A 94 13.68 35.28 5.11
C ASN A 94 14.30 35.43 6.49
N PRO A 95 14.56 34.30 7.16
CA PRO A 95 15.04 34.37 8.56
C PRO A 95 16.31 35.19 8.75
N PHE A 96 17.20 35.24 7.77
CA PHE A 96 18.43 36.02 7.95
C PHE A 96 18.13 37.50 8.18
N MET A 97 17.01 38.00 7.64
CA MET A 97 16.64 39.39 7.86
C MET A 97 16.36 39.68 9.32
N PHE A 98 15.94 38.65 10.08
CA PHE A 98 15.57 38.80 11.47
C PHE A 98 16.63 38.22 12.42
N GLY A 99 17.83 37.98 11.92
CA GLY A 99 18.93 37.57 12.77
C GLY A 99 19.30 36.12 12.74
N ALA A 100 18.73 35.32 11.84
CA ALA A 100 19.13 33.92 11.75
C ALA A 100 20.61 33.84 11.38
N LEU A 101 21.25 32.75 11.82
CA LEU A 101 22.66 32.52 11.50
C LEU A 101 22.91 31.24 10.72
N GLY A 102 21.93 30.36 10.59
CA GLY A 102 22.17 29.10 9.92
C GLY A 102 23.17 28.25 10.70
N GLY A 103 23.74 27.27 9.99
CA GLY A 103 24.67 26.37 10.67
C GLY A 103 23.99 25.71 11.86
N SER A 104 24.74 25.55 12.94
CA SER A 104 24.24 24.88 14.14
C SER A 104 23.46 25.80 15.06
N ASN A 105 23.21 27.03 14.65
CA ASN A 105 22.57 28.01 15.50
C ASN A 105 21.07 27.76 15.63
N ASP A 106 20.53 28.11 16.81
CA ASP A 106 19.10 28.03 17.05
C ASP A 106 18.44 29.26 16.46
N ASP A 107 17.81 29.11 15.30
CA ASP A 107 17.17 30.20 14.59
C ASP A 107 15.67 30.31 14.86
N THR A 108 15.20 29.75 15.99
CA THR A 108 13.77 29.68 16.24
C THR A 108 13.13 31.07 16.20
N ILE A 109 13.72 32.03 16.90
CA ILE A 109 13.09 33.33 17.05
C ILE A 109 13.07 34.06 15.70
N PRO A 110 14.17 34.07 14.95
CA PRO A 110 14.11 34.65 13.60
C PRO A 110 13.04 34.02 12.72
N VAL A 111 12.94 32.68 12.70
CA VAL A 111 11.93 32.03 11.88
C VAL A 111 10.53 32.37 12.36
N GLN A 112 10.33 32.40 13.68
CA GLN A 112 9.02 32.78 14.21
C GLN A 112 8.66 34.20 13.84
N SER A 113 9.65 35.10 13.79
CA SER A 113 9.39 36.48 13.40
C SER A 113 8.98 36.57 11.93
N CYS A 114 9.55 35.71 11.08
CA CYS A 114 9.19 35.71 9.67
C CYS A 114 7.71 35.36 9.49
N VAL A 115 7.29 34.20 10.02
CA VAL A 115 5.92 33.78 9.81
C VAL A 115 4.93 34.67 10.56
N ASP A 116 5.40 35.46 11.53
CA ASP A 116 4.57 36.46 12.19
C ASP A 116 4.65 37.84 11.55
N SER A 117 5.46 38.01 10.50
CA SER A 117 5.78 39.33 9.99
C SER A 117 4.62 40.02 9.26
N GLY A 118 3.64 39.25 8.76
CA GLY A 118 2.68 39.78 7.82
C GLY A 118 3.02 39.51 6.36
N LYS A 119 4.16 38.88 6.08
CA LYS A 119 4.54 38.44 4.74
C LYS A 119 4.80 36.93 4.75
N ALA A 120 4.75 36.35 3.56
CA ALA A 120 5.20 34.98 3.38
C ALA A 120 6.71 34.87 3.61
N THR A 121 7.13 33.70 4.06
CA THR A 121 8.52 33.44 4.39
C THR A 121 9.19 32.63 3.29
N GLN A 122 10.40 33.02 2.94
CA GLN A 122 11.25 32.24 2.03
C GLN A 122 12.36 31.61 2.83
N LEU A 123 12.45 30.28 2.79
CA LEU A 123 13.59 29.57 3.36
C LEU A 123 14.66 29.44 2.28
N THR A 124 15.81 30.07 2.52
CA THR A 124 16.90 30.04 1.56
C THR A 124 17.99 29.05 1.93
N ASP A 125 17.81 28.30 3.00
CA ASP A 125 18.88 27.49 3.60
C ASP A 125 18.21 26.59 4.64
N ALA A 126 19.03 25.91 5.44
CA ALA A 126 18.55 25.03 6.50
C ALA A 126 18.68 25.74 7.84
N HIS A 127 17.57 25.81 8.58
CA HIS A 127 17.53 26.52 9.86
C HIS A 127 17.09 25.57 10.96
N TYR A 128 17.87 25.53 12.04
CA TYR A 128 17.46 24.82 13.24
C TYR A 128 16.41 25.63 13.99
N VAL A 129 15.36 24.94 14.45
CA VAL A 129 14.31 25.53 15.26
C VAL A 129 13.90 24.53 16.33
N SER A 130 13.24 25.04 17.37
CA SER A 130 12.59 24.15 18.33
C SER A 130 11.12 23.95 17.97
N ASN A 131 10.32 25.02 18.03
CA ASN A 131 8.90 24.94 17.73
C ASN A 131 8.45 26.24 17.09
N ILE A 132 7.75 26.13 15.97
CA ILE A 132 7.27 27.26 15.20
C ILE A 132 5.75 27.17 15.12
N GLN A 133 5.07 28.31 15.20
CA GLN A 133 3.62 28.35 15.09
C GLN A 133 3.22 29.24 13.93
N LEU A 134 2.34 28.72 13.08
CA LEU A 134 1.76 29.46 11.98
C LEU A 134 0.39 29.97 12.41
N LYS A 135 0.21 31.29 12.40
CA LYS A 135 -0.93 31.92 13.06
C LYS A 135 -1.81 32.74 12.15
N TYR A 136 -1.31 33.20 11.01
CA TYR A 136 -1.99 34.22 10.23
C TYR A 136 -2.18 33.74 8.79
N ASN A 137 -3.09 34.40 8.09
CA ASN A 137 -3.26 34.14 6.68
C ASN A 137 -2.08 34.64 5.86
N THR A 138 -1.06 35.20 6.50
CA THR A 138 0.19 35.57 5.83
C THR A 138 1.32 34.58 6.10
N SER A 139 1.07 33.54 6.90
CA SER A 139 2.16 32.69 7.40
C SER A 139 2.54 31.60 6.42
N SER A 140 2.52 31.89 5.11
CA SER A 140 3.02 30.95 4.13
C SER A 140 4.54 30.77 4.26
N ILE A 141 5.02 29.59 3.86
CA ILE A 141 6.45 29.29 3.81
C ILE A 141 6.77 28.66 2.47
N TYR A 142 7.78 29.20 1.79
CA TYR A 142 8.25 28.70 0.50
C TYR A 142 9.72 28.37 0.60
N GLY A 143 10.10 27.23 0.02
CA GLY A 143 11.51 26.91 -0.15
C GLY A 143 11.87 26.76 -1.61
N SER A 144 12.94 26.01 -1.90
CA SER A 144 13.34 25.76 -3.28
C SER A 144 13.74 24.31 -3.47
N GLY A 145 13.24 23.43 -2.63
CA GLY A 145 13.64 22.04 -2.69
C GLY A 145 13.15 21.29 -1.49
N LEU A 146 13.14 19.97 -1.57
CA LEU A 146 12.64 19.15 -0.47
C LEU A 146 13.68 18.92 0.60
N HIS A 147 14.93 19.35 0.37
CA HIS A 147 16.02 19.02 1.27
C HIS A 147 16.79 20.24 1.77
N TYR A 148 17.37 21.02 0.85
CA TYR A 148 18.38 22.00 1.27
C TYR A 148 17.75 23.24 1.90
N SER A 149 16.54 23.61 1.51
CA SER A 149 15.81 24.70 2.17
C SER A 149 14.81 24.05 3.12
N ARG A 150 15.03 24.22 4.42
CA ARG A 150 14.27 23.41 5.35
C ARG A 150 14.32 24.00 6.76
N LEU A 151 13.35 23.57 7.56
CA LEU A 151 13.40 23.71 9.01
C LEU A 151 13.91 22.40 9.58
N HIS A 152 14.74 22.50 10.61
CA HIS A 152 15.38 21.34 11.21
C HIS A 152 15.19 21.48 12.72
N GLN A 153 14.45 20.53 13.30
CA GLN A 153 14.17 20.60 14.73
C GLN A 153 15.43 20.27 15.52
N LEU A 154 15.69 21.08 16.54
CA LEU A 154 16.86 20.87 17.38
C LEU A 154 16.77 19.53 18.12
N PRO A 155 17.89 18.85 18.33
CA PRO A 155 17.85 17.54 19.00
C PRO A 155 17.18 17.56 20.36
N SER A 156 17.28 18.67 21.09
N SER A 156 17.27 18.66 21.10
CA SER A 156 16.70 18.76 22.43
CA SER A 156 16.70 18.72 22.44
C SER A 156 15.23 19.15 22.41
C SER A 156 15.30 19.35 22.46
N ALA A 157 14.74 19.69 21.31
CA ALA A 157 13.36 20.16 21.25
C ALA A 157 12.42 18.97 21.16
N THR A 158 11.28 19.08 21.83
CA THR A 158 10.23 18.09 21.68
C THR A 158 8.99 18.78 21.13
N GLY A 159 7.91 18.01 20.96
CA GLY A 159 6.69 18.58 20.44
C GLY A 159 6.74 18.83 18.94
N ASN A 160 5.84 19.72 18.50
CA ASN A 160 5.62 19.95 17.07
C ASN A 160 6.66 20.92 16.51
N CYS A 161 7.37 20.48 15.47
CA CYS A 161 8.28 21.40 14.80
C CYS A 161 7.51 22.57 14.20
N ILE A 162 6.40 22.28 13.52
CA ILE A 162 5.48 23.31 13.03
C ILE A 162 4.08 23.00 13.56
N THR A 163 3.44 24.00 14.15
CA THR A 163 2.03 23.92 14.52
C THR A 163 1.25 24.92 13.67
N ILE A 164 0.20 24.45 13.01
CA ILE A 164 -0.73 25.32 12.32
C ILE A 164 -1.88 25.63 13.30
N LYS A 165 -1.97 26.88 13.72
CA LYS A 165 -2.97 27.29 14.69
C LYS A 165 -4.34 27.46 14.04
N ASP A 166 -5.39 27.39 14.86
CA ASP A 166 -6.75 27.45 14.32
C ASP A 166 -7.13 28.85 13.83
N THR A 167 -6.24 29.84 13.95
CA THR A 167 -6.42 31.16 13.35
C THR A 167 -5.79 31.26 11.96
N CYS A 168 -5.10 30.21 11.51
CA CYS A 168 -4.30 30.26 10.30
C CYS A 168 -5.04 29.55 9.17
N SER A 169 -5.37 30.28 8.11
CA SER A 169 -6.08 29.73 6.97
C SER A 169 -5.51 30.31 5.68
N LEU A 170 -5.68 29.57 4.59
CA LEU A 170 -5.42 30.09 3.25
C LEU A 170 -3.95 30.40 3.01
N ILE A 171 -3.06 29.68 3.66
CA ILE A 171 -1.63 29.81 3.43
C ILE A 171 -1.17 28.70 2.49
N VAL A 172 0.07 28.82 2.02
CA VAL A 172 0.73 27.79 1.25
C VAL A 172 2.03 27.41 1.95
N LEU A 173 2.27 26.12 2.04
CA LEU A 173 3.57 25.57 2.42
C LEU A 173 4.08 24.83 1.18
N ASP A 174 5.16 25.32 0.58
CA ASP A 174 5.57 24.82 -0.72
C ASP A 174 7.08 24.61 -0.79
N ALA A 175 7.46 23.38 -1.15
CA ALA A 175 8.83 23.05 -1.57
C ALA A 175 9.87 23.39 -0.50
N PHE A 176 9.73 22.76 0.66
CA PHE A 176 10.79 22.83 1.66
C PHE A 176 10.72 21.59 2.53
N GLY A 177 11.78 21.39 3.31
CA GLY A 177 11.90 20.24 4.19
C GLY A 177 11.53 20.59 5.62
N VAL A 178 11.08 19.57 6.34
CA VAL A 178 10.83 19.62 7.77
C VAL A 178 11.49 18.36 8.34
N TYR A 179 12.66 18.53 8.95
CA TYR A 179 13.50 17.42 9.39
C TYR A 179 13.58 17.37 10.91
N GLY A 180 13.62 16.15 11.42
CA GLY A 180 13.86 15.95 12.83
C GLY A 180 15.12 15.13 13.09
N THR A 181 15.30 14.73 14.36
CA THR A 181 16.52 14.06 14.78
C THR A 181 16.80 12.81 13.95
N GLY A 182 15.76 12.10 13.51
CA GLY A 182 15.95 10.85 12.79
C GLY A 182 15.93 10.98 11.28
N ALA A 183 16.14 12.19 10.75
CA ALA A 183 15.93 12.42 9.32
C ALA A 183 16.78 11.51 8.47
N GLN A 184 18.05 11.32 8.85
CA GLN A 184 18.93 10.49 8.05
C GLN A 184 18.64 9.01 8.28
N GLN A 185 18.64 8.26 7.19
CA GLN A 185 18.42 6.82 7.20
C GLN A 185 19.16 6.14 8.35
N GLY A 186 18.43 5.33 9.10
CA GLY A 186 19.02 4.51 10.14
C GLY A 186 19.41 5.22 11.41
N THR A 187 18.93 6.44 11.65
CA THR A 187 19.26 7.16 12.87
C THR A 187 18.07 7.18 13.82
N SER A 188 18.35 7.57 15.06
CA SER A 188 17.36 7.53 16.13
C SER A 188 16.67 8.89 16.27
N PHE A 189 15.65 8.93 17.14
CA PHE A 189 14.70 10.03 17.17
C PHE A 189 14.69 10.72 18.54
N THR A 190 14.22 11.96 18.56
CA THR A 190 13.91 12.64 19.82
C THR A 190 12.47 12.36 20.21
N ALA A 191 12.27 11.95 21.46
CA ALA A 191 10.96 11.49 21.89
C ALA A 191 9.95 12.63 21.87
N GLY A 192 8.73 12.31 21.44
CA GLY A 192 7.60 13.23 21.51
C GLY A 192 7.51 14.25 20.42
N THR A 193 8.24 14.08 19.31
CA THR A 193 8.27 15.08 18.25
C THR A 193 7.29 14.75 17.13
N THR A 194 6.77 15.80 16.51
CA THR A 194 5.92 15.72 15.34
C THR A 194 6.41 16.74 14.33
N GLY A 195 6.35 16.39 13.04
CA GLY A 195 6.79 17.31 12.02
C GLY A 195 5.86 18.49 11.87
N ILE A 196 4.62 18.22 11.44
CA ILE A 196 3.61 19.25 11.27
C ILE A 196 2.35 18.81 11.98
N TYR A 197 1.88 19.64 12.90
CA TYR A 197 0.65 19.41 13.65
C TYR A 197 -0.36 20.48 13.27
N VAL A 198 -1.59 20.08 12.98
CA VAL A 198 -2.71 20.99 12.72
C VAL A 198 -3.66 20.87 13.91
N GLU A 199 -3.73 21.88 14.76
CA GLU A 199 -4.47 21.74 16.01
C GLU A 199 -5.97 21.72 15.79
N THR A 200 -6.67 21.12 16.74
CA THR A 200 -8.13 21.08 16.72
C THR A 200 -8.69 22.48 16.90
N PRO A 201 -9.60 22.93 16.03
CA PRO A 201 -10.13 24.30 16.16
C PRO A 201 -10.93 24.47 17.44
N SER A 202 -10.77 25.65 18.05
CA SER A 202 -11.47 25.98 19.28
C SER A 202 -12.70 26.84 19.05
N GLY A 203 -13.04 27.14 17.80
CA GLY A 203 -14.20 27.98 17.54
C GLY A 203 -14.45 28.09 16.05
N LEU A 204 -15.48 28.87 15.72
CA LEU A 204 -15.92 29.10 14.35
C LEU A 204 -16.13 30.59 14.18
N SER A 205 -15.58 31.14 13.10
CA SER A 205 -15.75 32.57 12.84
C SER A 205 -16.86 32.80 11.82
N ALA A 206 -17.35 34.04 11.79
CA ALA A 206 -18.41 34.43 10.87
C ALA A 206 -17.93 35.38 9.79
N ASP A 207 -16.63 35.63 9.69
CA ASP A 207 -16.11 36.62 8.74
C ASP A 207 -14.99 36.04 7.87
N TYR A 208 -15.00 34.73 7.67
CA TYR A 208 -14.10 34.12 6.70
C TYR A 208 -14.25 34.82 5.35
N PRO A 209 -13.15 35.05 4.60
CA PRO A 209 -11.77 34.64 4.93
C PRO A 209 -10.96 35.68 5.68
N PHE A 210 -11.61 36.73 6.19
CA PHE A 210 -10.90 37.77 6.92
C PHE A 210 -10.87 37.51 8.42
N HIS A 211 -11.14 36.28 8.84
CA HIS A 211 -11.23 35.99 10.26
C HIS A 211 -9.87 36.19 10.94
N THR A 212 -9.94 36.62 12.19
CA THR A 212 -8.77 36.73 13.05
C THR A 212 -8.92 35.85 14.29
N THR A 213 -9.97 35.03 14.33
CA THR A 213 -10.26 34.16 15.45
C THR A 213 -10.35 32.73 14.95
N ALA A 214 -10.51 31.81 15.90
CA ALA A 214 -10.48 30.38 15.57
C ALA A 214 -11.53 30.04 14.51
N ASP A 215 -11.17 29.11 13.62
CA ASP A 215 -12.09 28.66 12.58
C ASP A 215 -11.65 27.29 12.10
N PRO A 216 -12.58 26.42 11.72
CA PRO A 216 -12.20 25.08 11.23
C PRO A 216 -11.74 25.06 9.78
N ARG A 217 -11.93 26.14 9.03
CA ARG A 217 -11.63 26.13 7.59
C ARG A 217 -10.15 26.46 7.39
N ARG A 218 -9.29 25.44 7.46
CA ARG A 218 -7.87 25.64 7.20
C ARG A 218 -7.65 26.12 5.76
N ASP A 219 -8.28 25.46 4.80
CA ASP A 219 -8.26 25.87 3.40
C ASP A 219 -6.85 26.24 2.94
N LEU A 220 -5.91 25.36 3.20
CA LEU A 220 -4.51 25.63 2.93
C LEU A 220 -3.90 24.44 2.20
N CYS A 221 -2.76 24.68 1.55
CA CYS A 221 -2.09 23.69 0.72
C CYS A 221 -0.72 23.38 1.29
N ILE A 222 -0.47 22.10 1.54
CA ILE A 222 0.86 21.60 1.86
C ILE A 222 1.35 20.87 0.62
N SER A 223 2.32 21.46 -0.05
CA SER A 223 2.65 21.12 -1.43
C SER A 223 4.16 20.92 -1.56
N LYS A 224 4.56 19.75 -2.07
CA LYS A 224 5.98 19.43 -2.29
C LYS A 224 6.78 19.62 -1.01
N VAL A 225 6.20 19.21 0.10
CA VAL A 225 6.84 19.33 1.39
C VAL A 225 7.35 17.96 1.81
N HIS A 226 8.56 17.92 2.35
CA HIS A 226 9.23 16.70 2.72
C HIS A 226 9.39 16.68 4.24
N ILE A 227 8.75 15.72 4.90
CA ILE A 227 8.81 15.56 6.35
C ILE A 227 9.60 14.30 6.66
N ALA A 228 10.65 14.44 7.47
CA ALA A 228 11.52 13.31 7.76
C ALA A 228 12.07 13.38 9.19
N GLY A 229 12.06 12.24 9.88
CA GLY A 229 12.85 12.09 11.09
C GLY A 229 12.17 12.43 12.40
N PHE A 230 10.85 12.32 12.47
CA PHE A 230 10.12 12.62 13.71
C PHE A 230 9.63 11.34 14.37
N ASP A 231 9.29 11.47 15.65
CA ASP A 231 8.93 10.32 16.46
C ASP A 231 7.46 9.94 16.29
N GLU A 232 6.56 10.76 16.83
CA GLU A 232 5.16 10.36 16.93
C GLU A 232 4.46 10.41 15.58
N TYR A 233 4.65 11.50 14.84
CA TYR A 233 3.97 11.69 13.56
C TYR A 233 4.86 12.51 12.65
N GLY A 234 4.80 12.21 11.36
CA GLY A 234 5.31 13.12 10.36
C GLY A 234 4.36 14.30 10.24
N LEU A 235 3.13 14.01 9.82
CA LEU A 235 2.06 14.99 9.73
C LEU A 235 0.88 14.47 10.54
N ASN A 236 0.31 15.32 11.38
CA ASN A 236 -0.82 14.96 12.22
C ASN A 236 -1.87 16.06 12.10
N ILE A 237 -2.97 15.76 11.40
CA ILE A 237 -4.07 16.69 11.18
C ILE A 237 -5.17 16.30 12.16
N ASP A 238 -5.39 17.11 13.19
CA ASP A 238 -6.27 16.71 14.26
C ASP A 238 -7.74 17.01 13.92
N SER A 239 -8.64 16.47 14.73
CA SER A 239 -10.07 16.56 14.48
C SER A 239 -10.54 18.01 14.34
N GLY A 240 -11.55 18.21 13.50
CA GLY A 240 -12.22 19.49 13.37
C GLY A 240 -11.70 20.40 12.28
N ASN A 241 -10.61 20.03 11.61
CA ASN A 241 -10.00 20.85 10.57
C ASN A 241 -10.53 20.46 9.19
N PHE A 242 -10.95 21.45 8.41
CA PHE A 242 -11.47 21.21 7.07
C PHE A 242 -10.47 21.65 6.01
N SER A 243 -10.35 20.87 4.94
CA SER A 243 -9.68 21.31 3.71
C SER A 243 -8.19 21.57 3.92
N VAL A 244 -7.54 20.74 4.72
CA VAL A 244 -6.07 20.68 4.68
C VAL A 244 -5.71 19.85 3.45
N THR A 245 -5.29 20.51 2.39
CA THR A 245 -4.85 19.83 1.18
C THR A 245 -3.37 19.45 1.31
N THR A 246 -3.05 18.21 0.92
CA THR A 246 -1.66 17.85 0.69
C THR A 246 -1.50 17.48 -0.78
N ASP A 247 -0.35 17.85 -1.33
CA ASP A 247 -0.07 17.64 -2.75
C ASP A 247 1.41 17.35 -2.87
N SER A 248 1.75 16.15 -3.33
CA SER A 248 3.14 15.73 -3.42
C SER A 248 3.83 15.81 -2.06
N LEU A 249 3.11 15.43 -1.01
CA LEU A 249 3.73 15.28 0.29
C LEU A 249 4.62 14.04 0.29
N LEU A 250 5.81 14.18 0.87
CA LEU A 250 6.75 13.07 0.99
C LEU A 250 7.14 12.93 2.46
N VAL A 251 6.85 11.79 3.05
CA VAL A 251 7.15 11.52 4.45
C VAL A 251 8.10 10.35 4.51
N ASN A 252 9.25 10.56 5.17
CA ASN A 252 10.32 9.57 5.30
C ASN A 252 10.70 9.42 6.76
N HIS A 253 11.02 8.20 7.16
CA HIS A 253 11.79 7.94 8.38
C HIS A 253 11.09 8.50 9.63
N ILE A 254 9.98 7.85 9.98
CA ILE A 254 9.17 8.24 11.13
C ILE A 254 9.18 7.08 12.12
N ASN A 255 9.52 7.37 13.38
CA ASN A 255 9.61 6.30 14.36
C ASN A 255 8.27 5.58 14.52
N GLN A 256 7.15 6.33 14.51
CA GLN A 256 5.84 5.73 14.76
C GLN A 256 4.99 5.86 13.52
N VAL A 257 4.12 6.89 13.44
CA VAL A 257 3.08 6.98 12.41
C VAL A 257 3.43 8.07 11.41
N GLY A 258 3.58 7.70 10.15
CA GLY A 258 3.91 8.66 9.10
C GLY A 258 2.94 9.82 9.04
N VAL A 259 1.66 9.53 8.80
CA VAL A 259 0.62 10.55 8.70
C VAL A 259 -0.60 10.07 9.48
N ARG A 260 -1.11 10.93 10.36
CA ARG A 260 -2.39 10.72 11.03
C ARG A 260 -3.36 11.80 10.58
N CYS A 261 -4.57 11.37 10.22
CA CYS A 261 -5.66 12.31 9.96
C CYS A 261 -6.85 11.84 10.78
N ALA A 262 -7.48 12.77 11.49
CA ALA A 262 -8.63 12.45 12.33
C ALA A 262 -9.77 13.43 12.06
N THR A 263 -9.93 13.87 10.82
CA THR A 263 -10.92 14.91 10.52
C THR A 263 -11.61 14.57 9.19
N THR A 264 -12.46 15.50 8.73
CA THR A 264 -13.32 15.29 7.58
C THR A 264 -13.06 16.34 6.51
N ASP A 265 -13.56 16.05 5.29
CA ASP A 265 -13.69 17.06 4.25
C ASP A 265 -12.34 17.56 3.73
N TRP A 266 -11.58 16.69 3.06
CA TRP A 266 -10.26 17.07 2.58
C TRP A 266 -9.90 16.20 1.39
N THR A 267 -8.86 16.61 0.67
CA THR A 267 -8.38 15.92 -0.52
C THR A 267 -6.86 15.94 -0.50
N TRP A 268 -6.24 14.77 -0.66
CA TRP A 268 -4.80 14.65 -0.83
C TRP A 268 -4.52 14.05 -2.20
N THR A 269 -3.47 14.53 -2.86
CA THR A 269 -3.01 13.93 -4.09
C THR A 269 -1.53 13.64 -4.02
N ASN A 270 -1.14 12.50 -4.60
CA ASN A 270 0.25 12.06 -4.71
C ASN A 270 1.00 12.18 -3.38
N ILE A 271 0.56 11.40 -2.41
CA ILE A 271 1.23 11.30 -1.12
C ILE A 271 2.12 10.06 -1.15
N GLN A 272 3.32 10.18 -0.58
CA GLN A 272 4.17 9.02 -0.34
C GLN A 272 4.61 9.02 1.11
N VAL A 273 4.47 7.88 1.78
CA VAL A 273 4.95 7.68 3.15
C VAL A 273 5.84 6.44 3.17
N ASN A 274 7.07 6.61 3.63
CA ASN A 274 8.08 5.57 3.50
C ASN A 274 8.83 5.38 4.82
N THR A 275 8.85 4.14 5.31
CA THR A 275 9.69 3.72 6.43
C THR A 275 9.23 4.33 7.75
N CYS A 276 8.24 3.67 8.37
CA CYS A 276 7.67 4.07 9.64
C CYS A 276 7.72 2.88 10.58
N GLY A 277 7.98 3.14 11.86
CA GLY A 277 8.02 2.05 12.82
C GLY A 277 6.65 1.46 13.09
N LYS A 278 5.61 2.27 12.95
CA LYS A 278 4.22 1.81 13.06
C LYS A 278 3.53 2.01 11.71
N GLN A 279 2.30 2.53 11.67
CA GLN A 279 1.61 2.72 10.40
C GLN A 279 2.27 3.83 9.57
N CYS A 280 2.24 3.64 8.25
CA CYS A 280 2.46 4.79 7.37
C CYS A 280 1.32 5.79 7.49
N LEU A 281 0.07 5.30 7.58
CA LEU A 281 -1.09 6.18 7.59
C LEU A 281 -2.13 5.69 8.58
N VAL A 282 -2.65 6.62 9.39
CA VAL A 282 -3.79 6.36 10.27
C VAL A 282 -4.91 7.31 9.88
N LEU A 283 -6.03 6.76 9.42
CA LEU A 283 -7.28 7.50 9.30
C LEU A 283 -8.17 7.05 10.45
N ASP A 284 -8.44 7.96 11.37
CA ASP A 284 -9.15 7.63 12.61
C ASP A 284 -10.25 8.65 12.82
N GLY A 285 -11.49 8.23 12.62
CA GLY A 285 -12.60 9.17 12.68
C GLY A 285 -12.68 10.07 11.47
N CYS A 286 -12.18 9.62 10.33
CA CYS A 286 -12.25 10.42 9.12
C CYS A 286 -13.57 10.20 8.39
N GLY A 287 -13.93 11.17 7.57
CA GLY A 287 -15.13 11.04 6.76
C GLY A 287 -15.11 12.03 5.62
N ASN A 288 -15.71 11.62 4.51
CA ASN A 288 -15.92 12.52 3.38
C ASN A 288 -14.61 13.15 2.94
N GLY A 289 -13.61 12.29 2.78
CA GLY A 289 -12.30 12.69 2.30
C GLY A 289 -11.90 11.89 1.08
N ARG A 290 -10.81 12.34 0.45
CA ARG A 290 -10.31 11.76 -0.79
C ARG A 290 -8.80 11.63 -0.72
N ILE A 291 -8.28 10.47 -1.09
CA ILE A 291 -6.86 10.26 -1.34
C ILE A 291 -6.74 9.75 -2.76
N ILE A 292 -5.98 10.47 -3.58
CA ILE A 292 -5.85 10.14 -5.00
C ILE A 292 -4.37 10.11 -5.33
N GLY A 293 -3.84 8.91 -5.57
CA GLY A 293 -2.41 8.72 -5.77
C GLY A 293 -1.68 8.64 -4.45
N GLY A 294 -1.38 7.41 -4.02
CA GLY A 294 -0.72 7.21 -2.75
C GLY A 294 0.23 6.02 -2.75
N LYS A 295 1.35 6.17 -2.07
CA LYS A 295 2.36 5.12 -1.95
C LYS A 295 2.74 5.00 -0.49
N PHE A 296 2.47 3.83 0.10
CA PHE A 296 2.70 3.60 1.53
C PHE A 296 3.57 2.36 1.69
N ILE A 297 4.82 2.56 2.09
CA ILE A 297 5.80 1.49 2.03
C ILE A 297 6.63 1.42 3.31
N TRP A 298 7.07 0.21 3.64
CA TRP A 298 8.00 -0.03 4.74
C TRP A 298 7.43 0.44 6.08
N ALA A 299 6.12 0.25 6.26
CA ALA A 299 5.51 0.45 7.57
C ALA A 299 5.98 -0.65 8.52
N ASN A 300 5.73 -0.45 9.82
CA ASN A 300 6.11 -1.45 10.82
C ASN A 300 7.57 -1.85 10.63
N TRP A 301 8.42 -0.85 10.34
CA TRP A 301 9.82 -1.04 9.99
C TRP A 301 10.58 -1.57 11.20
N GLN A 302 11.07 -2.81 11.09
CA GLN A 302 11.58 -3.50 12.27
C GLN A 302 12.74 -2.78 12.97
N PRO A 303 13.75 -2.26 12.28
CA PRO A 303 14.86 -1.60 13.00
C PRO A 303 14.42 -0.42 13.84
N TYR A 304 13.22 0.15 13.60
CA TYR A 304 12.72 1.19 14.46
C TYR A 304 12.13 0.65 15.76
N GLY A 305 12.28 -0.66 15.99
CA GLY A 305 12.19 -1.24 17.31
C GLY A 305 10.80 -1.56 17.80
N THR A 306 9.75 -1.01 17.20
CA THR A 306 8.40 -1.32 17.64
C THR A 306 8.12 -2.82 17.55
N VAL A 307 8.20 -3.52 18.68
CA VAL A 307 7.66 -4.87 18.73
C VAL A 307 6.15 -4.77 18.56
N GLY A 308 5.56 -5.78 17.97
CA GLY A 308 4.14 -5.59 17.80
C GLY A 308 3.80 -5.21 16.37
N GLN A 309 2.60 -5.59 15.96
CA GLN A 309 2.15 -5.46 14.59
C GLN A 309 1.43 -4.13 14.40
N PHE A 310 1.71 -3.47 13.29
CA PHE A 310 0.98 -2.29 12.89
C PHE A 310 0.87 -2.36 11.37
N PRO A 311 -0.31 -2.07 10.82
CA PRO A 311 -0.50 -2.16 9.37
C PRO A 311 0.10 -0.96 8.66
N GLY A 312 0.26 -1.12 7.34
CA GLY A 312 0.65 0.02 6.53
C GLY A 312 -0.35 1.16 6.66
N ILE A 313 -1.64 0.82 6.65
CA ILE A 313 -2.72 1.80 6.76
C ILE A 313 -3.75 1.29 7.76
N THR A 314 -4.11 2.15 8.72
CA THR A 314 -5.25 1.92 9.58
C THR A 314 -6.40 2.81 9.10
N ILE A 315 -7.55 2.21 8.83
CA ILE A 315 -8.77 2.95 8.54
C ILE A 315 -9.74 2.58 9.65
N ASN A 316 -9.93 3.48 10.62
CA ASN A 316 -10.68 3.16 11.81
C ASN A 316 -11.79 4.18 12.02
N ASN A 317 -13.00 3.69 12.31
CA ASN A 317 -14.11 4.55 12.70
C ASN A 317 -14.31 5.66 11.66
N SER A 318 -14.26 5.29 10.39
CA SER A 318 -14.34 6.25 9.29
C SER A 318 -15.48 5.88 8.34
N GLN A 319 -15.78 6.79 7.42
CA GLN A 319 -16.96 6.65 6.56
C GLN A 319 -16.79 7.52 5.33
N ASN A 320 -17.41 7.09 4.22
CA ASN A 320 -17.47 7.90 3.00
C ASN A 320 -16.07 8.35 2.57
N MET A 321 -15.13 7.40 2.57
CA MET A 321 -13.78 7.67 2.11
C MET A 321 -13.64 7.17 0.67
N VAL A 322 -13.12 8.01 -0.21
CA VAL A 322 -12.79 7.60 -1.57
C VAL A 322 -11.27 7.64 -1.70
N ILE A 323 -10.69 6.47 -1.94
CA ILE A 323 -9.25 6.27 -1.91
C ILE A 323 -8.89 5.60 -3.22
N ASN A 324 -8.34 6.36 -4.16
CA ASN A 324 -8.07 5.91 -5.52
C ASN A 324 -6.58 5.91 -5.80
N GLY A 325 -6.13 4.87 -6.50
CA GLY A 325 -4.75 4.81 -6.95
C GLY A 325 -3.72 4.83 -5.85
N ILE A 326 -3.89 3.99 -4.83
CA ILE A 326 -2.87 3.87 -3.80
C ILE A 326 -2.27 2.48 -3.84
N GLU A 327 -1.09 2.37 -3.22
CA GLU A 327 -0.37 1.12 -3.11
C GLU A 327 0.17 0.99 -1.69
N VAL A 328 0.05 -0.20 -1.12
CA VAL A 328 0.68 -0.55 0.15
C VAL A 328 1.59 -1.74 -0.09
N GLN A 329 2.87 -1.59 0.28
CA GLN A 329 3.90 -2.53 -0.16
C GLN A 329 5.05 -2.55 0.84
N ASP A 330 5.62 -3.75 1.03
CA ASP A 330 6.83 -3.96 1.83
C ASP A 330 6.63 -3.58 3.30
N CYS A 331 5.39 -3.59 3.79
CA CYS A 331 5.13 -3.30 5.18
C CYS A 331 5.32 -4.55 6.04
N GLY A 332 5.74 -4.33 7.29
CA GLY A 332 6.15 -5.45 8.13
C GLY A 332 4.99 -6.31 8.61
N GLY A 333 3.79 -5.75 8.70
CA GLY A 333 2.62 -6.49 9.12
C GLY A 333 1.56 -6.55 8.05
N ASN A 334 0.29 -6.40 8.44
CA ASN A 334 -0.79 -6.37 7.46
C ASN A 334 -0.65 -5.13 6.57
N GLY A 335 -1.27 -5.19 5.40
CA GLY A 335 -1.27 -4.04 4.52
C GLY A 335 -2.20 -2.96 5.01
N ILE A 336 -3.50 -3.27 5.03
CA ILE A 336 -4.56 -2.33 5.36
C ILE A 336 -5.50 -2.98 6.36
N GLU A 337 -5.76 -2.31 7.47
CA GLU A 337 -6.73 -2.75 8.47
C GLU A 337 -7.90 -1.76 8.46
N ILE A 338 -9.06 -2.24 8.05
CA ILE A 338 -10.27 -1.43 8.05
C ILE A 338 -11.14 -1.90 9.21
N SER A 339 -11.37 -1.01 10.19
CA SER A 339 -12.11 -1.35 11.39
C SER A 339 -13.25 -0.36 11.62
N GLU A 340 -14.42 -0.91 11.97
CA GLU A 340 -15.57 -0.11 12.38
C GLU A 340 -15.80 1.07 11.45
N SER A 341 -15.72 0.80 10.15
CA SER A 341 -15.85 1.85 9.15
C SER A 341 -16.99 1.52 8.20
N TYR A 342 -17.65 2.57 7.72
CA TYR A 342 -18.69 2.50 6.71
C TYR A 342 -18.15 2.95 5.36
N SER A 343 -18.76 2.44 4.30
CA SER A 343 -18.68 3.02 2.96
C SER A 343 -17.27 3.51 2.61
N ILE A 344 -16.33 2.56 2.59
CA ILE A 344 -14.98 2.81 2.13
C ILE A 344 -14.88 2.41 0.67
N SER A 345 -14.64 3.37 -0.20
CA SER A 345 -14.62 3.16 -1.64
C SER A 345 -13.20 3.29 -2.16
N MET A 346 -12.71 2.25 -2.83
CA MET A 346 -11.34 2.19 -3.32
C MET A 346 -11.39 1.79 -4.78
N ASN A 347 -10.76 2.59 -5.64
CA ASN A 347 -10.83 2.39 -7.08
C ASN A 347 -9.41 2.46 -7.64
N GLY A 348 -8.87 1.29 -7.98
CA GLY A 348 -7.47 1.16 -8.30
C GLY A 348 -6.68 1.03 -7.00
N LEU A 349 -6.43 -0.21 -6.58
CA LEU A 349 -5.77 -0.47 -5.31
C LEU A 349 -4.73 -1.56 -5.49
N ASN A 350 -3.51 -1.29 -5.02
CA ASN A 350 -2.38 -2.19 -5.16
C ASN A 350 -1.85 -2.53 -3.77
N THR A 351 -1.93 -3.81 -3.39
CA THR A 351 -1.33 -4.29 -2.14
C THR A 351 -0.55 -5.55 -2.45
N ASN A 352 0.77 -5.52 -2.21
CA ASN A 352 1.61 -6.67 -2.48
C ASN A 352 2.80 -6.69 -1.52
N ARG A 353 3.25 -7.90 -1.20
CA ARG A 353 4.51 -8.14 -0.49
C ARG A 353 4.59 -7.35 0.82
N ASN A 354 3.52 -7.46 1.61
CA ASN A 354 3.55 -6.97 2.97
C ASN A 354 3.84 -8.15 3.91
N GLY A 355 3.51 -8.00 5.18
CA GLY A 355 3.84 -9.03 6.16
C GLY A 355 5.30 -9.42 6.19
N ILE A 356 6.21 -8.48 5.93
CA ILE A 356 7.61 -8.87 5.75
C ILE A 356 8.33 -9.19 7.04
N ASN A 357 7.73 -8.95 8.21
CA ASN A 357 8.42 -9.30 9.44
C ASN A 357 8.24 -10.76 9.84
N ALA A 358 7.26 -11.46 9.27
CA ALA A 358 7.10 -12.88 9.54
C ALA A 358 6.41 -13.52 8.34
N ASN A 359 7.10 -14.44 7.67
CA ASN A 359 6.59 -14.98 6.43
C ASN A 359 5.24 -15.66 6.64
N ASN A 360 4.36 -15.52 5.65
CA ASN A 360 3.14 -16.32 5.58
C ASN A 360 2.27 -16.13 6.82
N THR A 361 2.25 -14.91 7.35
CA THR A 361 1.57 -14.63 8.60
C THR A 361 0.52 -13.53 8.50
N PHE A 362 0.74 -12.51 7.69
CA PHE A 362 -0.10 -11.33 7.65
C PHE A 362 -0.84 -11.26 6.32
N TYR A 363 -1.82 -10.35 6.26
CA TYR A 363 -2.71 -10.27 5.11
C TYR A 363 -2.73 -8.85 4.57
N ASN A 364 -2.98 -8.73 3.27
CA ASN A 364 -2.86 -7.43 2.62
C ASN A 364 -4.02 -6.52 3.00
N ILE A 365 -5.23 -7.06 3.15
CA ILE A 365 -6.36 -6.28 3.64
C ILE A 365 -7.09 -7.10 4.70
N VAL A 366 -7.28 -6.49 5.87
CA VAL A 366 -7.89 -7.11 7.03
C VAL A 366 -9.16 -6.34 7.36
N PHE A 367 -10.32 -6.98 7.18
CA PHE A 367 -11.60 -6.34 7.42
C PHE A 367 -12.12 -6.70 8.80
N ASN A 368 -12.54 -5.70 9.57
CA ASN A 368 -13.14 -5.95 10.88
C ASN A 368 -14.32 -4.99 11.07
N LYS A 369 -15.52 -5.55 11.10
CA LYS A 369 -16.74 -4.77 11.29
C LYS A 369 -16.76 -3.53 10.40
N SER A 370 -16.56 -3.76 9.10
CA SER A 370 -16.45 -2.68 8.14
C SER A 370 -17.11 -3.07 6.83
N ASP A 371 -17.53 -2.06 6.07
CA ASP A 371 -18.05 -2.22 4.72
C ASP A 371 -17.13 -1.52 3.74
N ALA A 372 -16.91 -2.13 2.58
CA ALA A 372 -16.03 -1.56 1.59
C ALA A 372 -16.42 -2.04 0.20
N VAL A 373 -16.19 -1.19 -0.79
CA VAL A 373 -16.29 -1.55 -2.20
C VAL A 373 -14.96 -1.22 -2.84
N ILE A 374 -14.28 -2.25 -3.35
CA ILE A 374 -12.92 -2.16 -3.84
C ILE A 374 -12.90 -2.61 -5.30
N ASN A 375 -12.51 -1.72 -6.19
CA ASN A 375 -12.45 -1.98 -7.62
C ASN A 375 -11.02 -1.81 -8.12
N GLY A 376 -10.73 -2.46 -9.23
CA GLY A 376 -9.38 -2.41 -9.79
C GLY A 376 -8.32 -2.90 -8.84
N PHE A 377 -8.61 -3.96 -8.08
CA PHE A 377 -7.60 -4.49 -7.17
C PHE A 377 -6.51 -5.23 -7.94
N VAL A 378 -5.26 -5.03 -7.51
CA VAL A 378 -4.10 -5.76 -8.03
C VAL A 378 -3.14 -5.99 -6.87
N GLY A 379 -2.31 -7.02 -7.01
CA GLY A 379 -1.41 -7.36 -5.92
C GLY A 379 -0.33 -8.37 -6.27
N LEU A 380 0.33 -8.21 -7.42
CA LEU A 380 1.40 -9.13 -7.79
C LEU A 380 2.50 -9.12 -6.73
N ASN A 381 2.59 -10.22 -5.98
CA ASN A 381 3.62 -10.42 -4.96
C ASN A 381 4.97 -10.67 -5.63
N TYR A 382 5.79 -9.62 -5.72
CA TYR A 382 7.02 -9.77 -6.51
C TYR A 382 8.02 -10.72 -5.86
N ALA A 383 7.89 -10.99 -4.56
CA ALA A 383 8.77 -11.97 -3.91
C ALA A 383 8.40 -13.39 -4.32
N ALA A 384 7.11 -13.72 -4.31
CA ALA A 384 6.67 -15.02 -4.80
C ALA A 384 7.01 -15.18 -6.28
N ASN A 385 6.77 -14.13 -7.07
CA ASN A 385 7.05 -14.20 -8.49
C ASN A 385 8.52 -14.46 -8.76
N SER A 386 9.40 -13.71 -8.09
CA SER A 386 10.84 -13.88 -8.31
C SER A 386 11.39 -15.15 -7.67
N GLY A 387 10.68 -15.73 -6.71
CA GLY A 387 11.19 -16.90 -6.01
C GLY A 387 12.27 -16.60 -5.01
N SER A 388 12.34 -15.38 -4.49
CA SER A 388 13.41 -14.98 -3.58
C SER A 388 13.28 -15.63 -2.20
N GLY A 389 12.10 -16.11 -1.83
CA GLY A 389 11.91 -16.60 -0.49
C GLY A 389 11.81 -15.54 0.58
N ALA A 390 11.85 -14.25 0.22
CA ALA A 390 11.64 -13.19 1.19
C ALA A 390 10.26 -13.33 1.86
N ASN A 391 10.20 -12.96 3.15
CA ASN A 391 8.93 -12.97 3.87
C ASN A 391 7.88 -12.17 3.09
N SER A 392 6.67 -12.70 3.00
CA SER A 392 5.60 -11.94 2.36
C SER A 392 4.25 -12.36 2.93
N SER A 393 3.21 -11.63 2.52
CA SER A 393 1.87 -11.85 3.02
C SER A 393 1.41 -13.28 2.79
N ALA A 394 0.69 -13.82 3.79
CA ALA A 394 0.01 -15.10 3.60
C ALA A 394 -1.00 -15.06 2.45
N GLY A 395 -1.69 -13.93 2.30
CA GLY A 395 -2.71 -13.81 1.27
C GLY A 395 -3.29 -12.42 1.24
N ASN A 396 -4.22 -12.22 0.32
CA ASN A 396 -4.73 -10.87 0.08
C ASN A 396 -5.73 -10.41 1.14
N PHE A 397 -6.67 -11.27 1.56
CA PHE A 397 -7.80 -10.81 2.35
C PHE A 397 -8.00 -11.66 3.59
N GLN A 398 -8.40 -11.00 4.68
CA GLN A 398 -8.73 -11.66 5.93
C GLN A 398 -9.92 -10.95 6.57
N PHE A 399 -10.90 -11.72 7.01
CA PHE A 399 -12.12 -11.20 7.63
C PHE A 399 -12.12 -11.61 9.10
N LEU A 400 -11.95 -10.64 9.99
CA LEU A 400 -11.95 -10.89 11.43
C LEU A 400 -13.36 -10.97 11.99
N SER A 401 -14.36 -10.53 11.23
CA SER A 401 -15.75 -10.64 11.63
C SER A 401 -16.54 -11.06 10.40
N ASN A 402 -17.77 -11.52 10.63
CA ASN A 402 -18.61 -11.95 9.51
C ASN A 402 -19.82 -11.03 9.32
N ASP A 403 -19.80 -9.85 9.93
CA ASP A 403 -20.81 -8.82 9.72
C ASP A 403 -20.34 -7.75 8.73
N CYS A 404 -19.27 -8.01 7.97
CA CYS A 404 -18.80 -7.08 6.95
C CYS A 404 -19.58 -7.23 5.66
N SER A 405 -19.82 -6.11 4.99
CA SER A 405 -20.39 -6.10 3.65
C SER A 405 -19.33 -5.57 2.71
N VAL A 406 -18.75 -6.46 1.91
CA VAL A 406 -17.57 -6.13 1.13
C VAL A 406 -17.75 -6.63 -0.30
N THR A 407 -17.45 -5.77 -1.26
CA THR A 407 -17.34 -6.12 -2.68
C THR A 407 -15.92 -5.87 -3.11
N ILE A 408 -15.31 -6.85 -3.76
CA ILE A 408 -13.94 -6.76 -4.27
C ILE A 408 -13.94 -7.23 -5.72
N ASN A 409 -13.33 -6.43 -6.61
CA ASN A 409 -13.14 -6.80 -8.01
C ASN A 409 -11.71 -6.49 -8.42
N GLY A 410 -11.12 -7.40 -9.17
CA GLY A 410 -9.80 -7.17 -9.71
C GLY A 410 -9.07 -8.48 -9.92
N VAL A 411 -7.76 -8.41 -9.87
CA VAL A 411 -6.89 -9.56 -10.15
C VAL A 411 -6.45 -10.08 -8.79
N VAL A 412 -7.31 -10.94 -8.20
CA VAL A 412 -7.10 -11.44 -6.86
C VAL A 412 -5.90 -12.38 -6.80
N GLU A 413 -5.65 -13.13 -7.87
CA GLU A 413 -4.44 -13.93 -8.00
C GLU A 413 -3.84 -13.61 -9.35
N THR A 414 -2.58 -13.14 -9.36
CA THR A 414 -2.05 -12.49 -10.56
C THR A 414 -1.89 -13.47 -11.71
N GLY A 415 -1.41 -14.69 -11.44
CA GLY A 415 -1.22 -15.65 -12.50
C GLY A 415 0.16 -15.68 -13.13
N TYR A 416 1.20 -15.49 -12.33
CA TYR A 416 2.55 -15.77 -12.78
C TYR A 416 2.87 -17.24 -12.48
N MET A 417 4.07 -17.70 -12.84
CA MET A 417 4.29 -19.14 -12.98
C MET A 417 4.26 -19.88 -11.64
N GLY A 418 4.87 -19.31 -10.60
CA GLY A 418 4.97 -20.00 -9.33
C GLY A 418 6.21 -20.86 -9.21
N ILE A 419 7.40 -20.25 -9.30
CA ILE A 419 8.65 -21.01 -9.28
C ILE A 419 8.77 -21.80 -7.98
N ASN A 420 8.35 -21.23 -6.85
CA ASN A 420 8.36 -21.93 -5.57
C ASN A 420 6.98 -22.49 -5.21
N PHE A 421 6.11 -22.71 -6.20
CA PHE A 421 4.80 -23.32 -6.01
C PHE A 421 3.87 -22.44 -5.18
N ILE A 422 4.12 -21.14 -5.10
CA ILE A 422 3.25 -20.22 -4.38
C ILE A 422 2.97 -19.01 -5.27
N GLY A 423 2.07 -18.17 -4.79
CA GLY A 423 1.69 -16.96 -5.50
C GLY A 423 1.24 -15.87 -4.56
N ASP A 424 0.11 -15.21 -4.87
CA ASP A 424 -0.39 -14.12 -4.05
C ASP A 424 -1.19 -14.61 -2.84
N ASN A 425 -1.99 -15.65 -3.00
CA ASN A 425 -2.86 -16.15 -1.94
C ASN A 425 -2.41 -17.57 -1.57
N ASN A 426 -1.59 -17.66 -0.53
CA ASN A 426 -0.98 -18.92 -0.13
C ASN A 426 -1.64 -19.55 1.09
N ILE A 427 -2.38 -18.76 1.87
CA ILE A 427 -3.30 -19.26 2.89
C ILE A 427 -4.63 -18.57 2.64
N ILE A 428 -5.70 -19.36 2.55
CA ILE A 428 -7.03 -18.82 2.26
C ILE A 428 -7.95 -19.13 3.44
N ASN A 429 -8.49 -18.07 4.04
CA ASN A 429 -9.43 -18.18 5.16
C ASN A 429 -10.81 -17.79 4.65
N PRO A 430 -11.69 -18.74 4.33
CA PRO A 430 -13.01 -18.39 3.81
C PRO A 430 -13.87 -17.74 4.89
N THR A 431 -14.93 -17.08 4.43
CA THR A 431 -15.79 -16.33 5.35
C THR A 431 -17.25 -16.51 4.97
N ASN A 432 -18.13 -16.34 5.95
CA ASN A 432 -19.56 -16.25 5.74
C ASN A 432 -20.06 -14.82 5.73
N SER A 433 -19.14 -13.85 5.68
CA SER A 433 -19.49 -12.45 5.56
C SER A 433 -20.32 -12.21 4.30
N ASP A 434 -20.98 -11.05 4.25
CA ASP A 434 -21.69 -10.63 3.05
C ASP A 434 -20.66 -10.14 2.04
N LEU A 435 -20.09 -11.09 1.32
CA LEU A 435 -18.94 -10.86 0.46
C LEU A 435 -19.27 -11.22 -0.99
N SER A 436 -18.81 -10.37 -1.91
CA SER A 436 -18.90 -10.62 -3.34
C SER A 436 -17.56 -10.28 -3.97
N ILE A 437 -16.92 -11.26 -4.61
CA ILE A 437 -15.63 -11.07 -5.27
C ILE A 437 -15.78 -11.35 -6.76
N ASN A 438 -15.30 -10.43 -7.58
CA ASN A 438 -15.25 -10.60 -9.04
C ASN A 438 -16.63 -10.91 -9.61
N GLY A 439 -17.68 -10.44 -8.93
CA GLY A 439 -19.03 -10.72 -9.38
C GLY A 439 -19.40 -12.18 -9.37
N LEU A 440 -18.65 -13.01 -8.67
CA LEU A 440 -18.90 -14.45 -8.64
C LEU A 440 -20.06 -14.77 -7.71
N VAL A 441 -21.03 -15.52 -8.21
CA VAL A 441 -22.08 -16.04 -7.34
C VAL A 441 -21.49 -17.05 -6.38
N ASN A 442 -21.79 -16.89 -5.09
CA ASN A 442 -21.37 -17.83 -4.07
C ASN A 442 -22.29 -19.05 -4.13
N TYR A 443 -21.72 -20.23 -4.41
CA TYR A 443 -22.56 -21.42 -4.57
C TYR A 443 -23.42 -21.66 -3.35
N SER A 444 -22.90 -21.36 -2.15
CA SER A 444 -23.68 -21.52 -0.92
C SER A 444 -24.88 -20.60 -0.86
N LYS A 445 -24.96 -19.59 -1.73
CA LYS A 445 -26.04 -18.61 -1.63
C LYS A 445 -26.96 -18.58 -2.83
N THR A 446 -26.86 -19.54 -3.74
CA THR A 446 -27.62 -19.46 -4.99
C THR A 446 -28.69 -20.54 -5.06
N GLY A 447 -29.83 -20.18 -5.63
CA GLY A 447 -30.85 -21.12 -6.03
C GLY A 447 -30.92 -21.36 -7.52
N LEU A 448 -29.91 -20.91 -8.28
CA LEU A 448 -29.94 -21.04 -9.73
C LEU A 448 -29.91 -22.50 -10.15
N GLN A 449 -30.72 -22.82 -11.15
CA GLN A 449 -30.71 -24.16 -11.74
C GLN A 449 -29.68 -24.20 -12.86
N THR A 450 -28.85 -25.23 -12.85
CA THR A 450 -27.79 -25.39 -13.84
C THR A 450 -27.84 -26.80 -14.41
N MET A 451 -27.15 -26.98 -15.54
CA MET A 451 -26.78 -28.32 -15.96
C MET A 451 -26.11 -29.07 -14.82
N ASN A 452 -26.26 -30.39 -14.82
CA ASN A 452 -25.41 -31.22 -13.97
C ASN A 452 -25.21 -32.56 -14.68
N GLU A 453 -24.21 -32.62 -15.53
CA GLU A 453 -23.94 -33.81 -16.32
C GLU A 453 -23.55 -34.98 -15.40
N THR A 454 -23.99 -36.18 -15.77
CA THR A 454 -23.74 -37.35 -14.96
C THR A 454 -22.60 -38.14 -15.55
N PRO A 455 -21.50 -38.32 -14.83
CA PRO A 455 -20.42 -39.19 -15.33
C PRO A 455 -20.80 -40.66 -15.17
N THR A 456 -20.07 -41.50 -15.89
CA THR A 456 -20.17 -42.94 -15.73
C THR A 456 -19.03 -43.42 -14.85
N PHE A 457 -19.37 -44.12 -13.76
CA PHE A 457 -18.33 -44.73 -12.96
C PHE A 457 -17.70 -45.89 -13.72
N ASP A 458 -16.38 -46.02 -13.60
CA ASP A 458 -15.72 -47.16 -14.21
C ASP A 458 -14.67 -47.72 -13.27
N GLY A 459 -14.52 -49.04 -13.33
CA GLY A 459 -13.50 -49.75 -12.59
C GLY A 459 -13.40 -51.16 -13.12
N VAL A 460 -12.35 -51.86 -12.70
CA VAL A 460 -12.23 -53.28 -13.04
C VAL A 460 -13.52 -54.00 -12.65
N SER A 461 -14.00 -53.74 -11.43
CA SER A 461 -15.38 -53.95 -11.06
C SER A 461 -16.10 -52.61 -11.20
N THR A 462 -17.26 -52.61 -11.86
CA THR A 462 -17.95 -51.37 -12.18
C THR A 462 -18.94 -50.93 -11.09
N THR A 463 -18.86 -51.51 -9.90
CA THR A 463 -19.72 -51.09 -8.80
C THR A 463 -18.96 -50.11 -7.93
N PRO A 464 -19.45 -48.88 -7.75
CA PRO A 464 -18.74 -47.92 -6.89
C PRO A 464 -18.66 -48.42 -5.45
N VAL A 465 -17.50 -48.20 -4.84
CA VAL A 465 -17.31 -48.41 -3.41
C VAL A 465 -17.13 -47.05 -2.74
N TYR A 466 -17.81 -46.87 -1.61
CA TYR A 466 -17.77 -45.62 -0.86
C TYR A 466 -17.13 -45.85 0.49
N VAL A 467 -16.33 -44.90 0.95
CA VAL A 467 -15.65 -44.99 2.23
C VAL A 467 -15.65 -43.62 2.89
N SER A 468 -15.30 -43.61 4.17
CA SER A 468 -15.40 -42.41 4.99
C SER A 468 -14.45 -41.31 4.50
N VAL A 469 -14.85 -40.07 4.70
CA VAL A 469 -13.98 -38.91 4.50
C VAL A 469 -13.89 -38.16 5.82
N PRO A 470 -12.85 -37.35 6.00
CA PRO A 470 -12.80 -36.48 7.18
C PRO A 470 -13.98 -35.53 7.20
N SER A 471 -14.39 -35.13 8.41
CA SER A 471 -15.57 -34.29 8.52
C SER A 471 -15.39 -32.95 7.81
N SER A 472 -14.14 -32.49 7.67
CA SER A 472 -13.92 -31.23 6.97
C SER A 472 -14.49 -31.25 5.55
N VAL A 473 -14.68 -32.43 4.96
CA VAL A 473 -15.23 -32.51 3.61
C VAL A 473 -16.73 -32.28 3.57
N GLY A 474 -17.39 -32.24 4.73
CA GLY A 474 -18.80 -31.89 4.75
C GLY A 474 -19.74 -32.97 4.23
N GLN A 475 -19.32 -34.23 4.29
CA GLN A 475 -20.17 -35.36 3.90
C GLN A 475 -19.65 -36.58 4.64
N VAL A 476 -20.45 -37.66 4.64
CA VAL A 476 -20.07 -38.84 5.40
C VAL A 476 -19.06 -39.68 4.64
N ASN A 477 -19.36 -40.03 3.39
CA ASN A 477 -18.50 -40.88 2.59
C ASN A 477 -18.13 -40.21 1.27
N GLY A 478 -17.09 -40.76 0.63
CA GLY A 478 -16.73 -40.41 -0.73
C GLY A 478 -16.46 -41.66 -1.54
N LEU A 479 -16.03 -41.44 -2.79
CA LEU A 479 -15.74 -42.54 -3.70
C LEU A 479 -14.38 -43.14 -3.36
N ARG A 480 -14.37 -44.44 -3.05
CA ARG A 480 -13.14 -45.18 -2.81
C ARG A 480 -12.29 -45.19 -4.08
N LEU A 481 -11.07 -44.67 -3.98
CA LEU A 481 -10.14 -44.65 -5.10
C LEU A 481 -9.03 -45.65 -4.85
N SER A 482 -8.80 -46.55 -5.81
CA SER A 482 -7.77 -47.56 -5.67
C SER A 482 -7.08 -47.76 -7.01
N GLN A 483 -5.79 -48.10 -6.95
CA GLN A 483 -5.09 -48.49 -8.17
C GLN A 483 -5.52 -49.87 -8.65
N ALA A 484 -5.85 -50.77 -7.71
CA ALA A 484 -6.23 -52.12 -8.11
C ALA A 484 -7.50 -52.14 -8.93
N ASN A 485 -8.50 -51.34 -8.55
CA ASN A 485 -9.78 -51.32 -9.24
C ASN A 485 -9.88 -50.21 -10.28
N LYS A 486 -8.88 -49.35 -10.39
CA LYS A 486 -8.89 -48.26 -11.37
C LYS A 486 -10.18 -47.44 -11.30
N ASP A 487 -10.63 -47.18 -10.07
CA ASP A 487 -11.82 -46.36 -9.87
C ASP A 487 -11.67 -45.01 -10.55
N LYS A 488 -12.66 -44.63 -11.35
CA LYS A 488 -12.59 -43.39 -12.10
C LYS A 488 -14.00 -42.92 -12.46
N LEU A 489 -14.11 -41.65 -12.85
CA LEU A 489 -15.36 -41.08 -13.34
C LEU A 489 -15.15 -40.62 -14.78
N LEU A 490 -15.92 -41.20 -15.70
CA LEU A 490 -15.79 -40.89 -17.13
C LEU A 490 -16.94 -39.97 -17.54
N TYR A 491 -16.60 -38.75 -17.93
CA TYR A 491 -17.55 -37.88 -18.62
C TYR A 491 -17.43 -38.08 -20.13
N SER A 492 -18.55 -38.00 -20.83
CA SER A 492 -18.49 -38.06 -22.28
C SER A 492 -18.22 -36.69 -22.88
N ARG A 493 -18.44 -35.62 -22.13
CA ARG A 493 -18.07 -34.28 -22.59
C ARG A 493 -16.61 -34.24 -23.00
N THR A 494 -16.33 -33.54 -24.09
CA THR A 494 -14.97 -33.31 -24.55
C THR A 494 -14.62 -31.83 -24.40
N ALA A 495 -13.33 -31.56 -24.28
CA ALA A 495 -12.86 -30.19 -24.07
C ALA A 495 -12.95 -29.38 -25.36
N GLY A 496 -13.41 -28.13 -25.22
CA GLY A 496 -13.52 -27.23 -26.36
C GLY A 496 -12.63 -26.01 -26.23
N PRO A 497 -12.58 -25.19 -27.29
CA PRO A 497 -11.63 -24.06 -27.29
C PRO A 497 -11.92 -23.01 -26.23
N GLU A 498 -13.13 -22.96 -25.67
CA GLU A 498 -13.38 -22.09 -24.53
C GLU A 498 -12.61 -22.56 -23.29
N GLY A 499 -12.17 -23.81 -23.26
CA GLY A 499 -11.46 -24.32 -22.10
C GLY A 499 -12.38 -24.95 -21.08
N ILE A 500 -11.77 -25.41 -19.99
CA ILE A 500 -12.48 -26.18 -18.99
C ILE A 500 -11.81 -25.96 -17.64
N THR A 501 -12.60 -26.10 -16.58
CA THR A 501 -12.11 -26.11 -15.21
C THR A 501 -12.55 -27.40 -14.55
N MET A 502 -11.63 -28.09 -13.90
CA MET A 502 -11.92 -29.36 -13.23
C MET A 502 -11.35 -29.33 -11.83
N ALA A 503 -12.14 -29.80 -10.86
CA ALA A 503 -11.74 -29.73 -9.47
C ALA A 503 -12.43 -30.84 -8.69
N ALA A 504 -11.78 -31.27 -7.62
CA ALA A 504 -12.36 -32.26 -6.73
C ALA A 504 -11.67 -32.17 -5.38
N VAL A 505 -12.36 -32.64 -4.36
CA VAL A 505 -11.69 -32.99 -3.11
C VAL A 505 -11.09 -34.37 -3.25
N ILE A 506 -9.80 -34.48 -2.97
CA ILE A 506 -9.11 -35.76 -3.01
C ILE A 506 -8.40 -35.93 -1.68
N VAL A 507 -8.67 -37.05 -1.01
CA VAL A 507 -8.02 -37.40 0.24
C VAL A 507 -7.02 -38.50 -0.12
N PRO A 508 -5.77 -38.15 -0.42
CA PRO A 508 -4.83 -39.16 -0.91
C PRO A 508 -4.28 -40.03 0.21
N THR A 509 -4.15 -41.32 -0.09
CA THR A 509 -3.41 -42.25 0.74
C THR A 509 -2.02 -42.39 0.11
N ILE A 510 -1.01 -41.85 0.79
CA ILE A 510 0.34 -41.77 0.24
C ILE A 510 1.22 -42.77 0.98
N SER A 511 1.69 -43.78 0.25
CA SER A 511 2.53 -44.82 0.83
C SER A 511 3.81 -44.89 0.02
N GLY A 512 3.95 -45.85 -0.88
CA GLY A 512 5.17 -46.04 -1.63
C GLY A 512 5.19 -45.32 -2.97
N ALA A 513 6.11 -45.74 -3.82
CA ALA A 513 6.17 -45.21 -5.18
C ALA A 513 4.84 -45.40 -5.89
N GLU A 514 4.41 -44.37 -6.61
CA GLU A 514 3.06 -44.42 -7.16
C GLU A 514 2.83 -43.21 -8.07
N VAL A 515 2.00 -43.41 -9.08
CA VAL A 515 1.52 -42.33 -9.93
C VAL A 515 0.03 -42.14 -9.65
N PHE A 516 -0.34 -40.94 -9.20
CA PHE A 516 -1.73 -40.54 -9.06
C PHE A 516 -2.13 -39.75 -10.31
N ASN A 517 -3.17 -40.22 -11.00
CA ASN A 517 -3.81 -39.46 -12.08
C ASN A 517 -5.03 -38.76 -11.47
N PHE A 518 -4.83 -37.56 -10.95
CA PHE A 518 -5.93 -36.82 -10.34
C PHE A 518 -7.05 -36.58 -11.34
N MET A 519 -6.71 -36.14 -12.55
CA MET A 519 -7.71 -35.84 -13.56
C MET A 519 -7.02 -35.75 -14.91
N ALA A 520 -7.81 -35.89 -15.97
CA ALA A 520 -7.21 -35.94 -17.30
C ALA A 520 -8.22 -35.46 -18.33
N ILE A 521 -7.67 -35.06 -19.48
CA ILE A 521 -8.42 -34.78 -20.69
C ILE A 521 -7.89 -35.73 -21.75
N GLY A 522 -8.78 -36.53 -22.34
CA GLY A 522 -8.29 -37.54 -23.26
C GLY A 522 -7.44 -38.60 -22.57
N SER A 523 -6.54 -39.21 -23.33
CA SER A 523 -5.67 -40.25 -22.82
C SER A 523 -4.46 -40.36 -23.73
N GLY A 524 -3.46 -41.13 -23.27
CA GLY A 524 -2.22 -41.26 -23.99
C GLY A 524 -1.32 -40.05 -23.79
N PHE A 525 -0.13 -40.14 -24.34
CA PHE A 525 0.86 -39.06 -24.20
C PHE A 525 1.80 -39.15 -25.39
N SER A 526 1.56 -38.33 -26.41
CA SER A 526 2.32 -38.38 -27.65
C SER A 526 2.10 -37.09 -28.42
N ASP A 527 2.78 -36.96 -29.55
CA ASP A 527 2.65 -35.77 -30.40
C ASP A 527 1.19 -35.50 -30.74
N THR A 528 0.36 -36.55 -30.79
CA THR A 528 -1.00 -36.44 -31.27
C THR A 528 -2.00 -37.04 -30.29
N SER A 529 -1.66 -37.13 -29.00
CA SER A 529 -2.59 -37.72 -28.04
C SER A 529 -3.68 -36.74 -27.62
N ASN A 530 -3.48 -35.44 -27.84
CA ASN A 530 -4.49 -34.43 -27.48
C ASN A 530 -4.97 -34.63 -26.05
N SER A 531 -4.02 -34.72 -25.13
CA SER A 531 -4.32 -35.16 -23.79
C SER A 531 -3.67 -34.24 -22.76
N LEU A 532 -4.29 -34.19 -21.59
CA LEU A 532 -3.74 -33.53 -20.41
C LEU A 532 -3.88 -34.49 -19.25
N HIS A 533 -2.80 -34.63 -18.47
CA HIS A 533 -2.82 -35.37 -17.21
C HIS A 533 -2.26 -34.47 -16.13
N LEU A 534 -2.96 -34.38 -15.00
CA LEU A 534 -2.41 -33.80 -13.78
C LEU A 534 -2.05 -34.95 -12.85
N GLN A 535 -0.78 -35.06 -12.50
CA GLN A 535 -0.29 -36.20 -11.77
C GLN A 535 0.45 -35.79 -10.51
N LEU A 536 0.31 -36.61 -9.48
CA LEU A 536 1.20 -36.66 -8.34
C LEU A 536 2.03 -37.93 -8.47
N VAL A 537 3.36 -37.77 -8.56
CA VAL A 537 4.29 -38.89 -8.64
C VAL A 537 5.05 -38.97 -7.33
N ILE A 538 5.03 -40.14 -6.72
CA ILE A 538 5.83 -40.43 -5.52
C ILE A 538 6.90 -41.43 -5.93
N ASP A 539 8.17 -41.09 -5.68
CA ASP A 539 9.21 -42.06 -5.95
C ASP A 539 9.47 -42.90 -4.69
N ALA A 540 10.30 -43.93 -4.85
CA ALA A 540 10.46 -44.90 -3.77
C ALA A 540 11.02 -44.27 -2.49
N SER A 541 11.57 -43.06 -2.56
CA SER A 541 12.12 -42.39 -1.40
C SER A 541 11.16 -41.38 -0.77
N GLY A 542 9.93 -41.29 -1.29
CA GLY A 542 8.95 -40.38 -0.75
C GLY A 542 8.90 -39.02 -1.41
N LYS A 543 9.87 -38.69 -2.27
CA LYS A 543 9.84 -37.42 -2.98
C LYS A 543 8.57 -37.30 -3.80
N GLN A 544 7.94 -36.13 -3.77
CA GLN A 544 6.68 -35.88 -4.44
C GLN A 544 6.87 -34.92 -5.61
N THR A 545 6.23 -35.24 -6.73
CA THR A 545 6.29 -34.43 -7.94
C THR A 545 4.89 -34.13 -8.42
N ILE A 546 4.59 -32.87 -8.69
CA ILE A 546 3.35 -32.48 -9.35
C ILE A 546 3.67 -32.25 -10.82
N ALA A 547 3.07 -33.06 -11.69
CA ALA A 547 3.38 -33.05 -13.11
C ALA A 547 2.13 -32.78 -13.92
N LEU A 548 2.22 -31.82 -14.82
CA LEU A 548 1.22 -31.59 -15.86
C LEU A 548 1.78 -32.15 -17.16
N LEU A 549 1.07 -33.10 -17.76
CA LEU A 549 1.51 -33.74 -19.00
C LEU A 549 0.61 -33.29 -20.13
N LEU A 550 1.21 -32.69 -21.17
CA LEU A 550 0.48 -32.16 -22.30
C LEU A 550 0.96 -32.82 -23.59
N GLY A 551 0.01 -33.34 -24.37
CA GLY A 551 0.33 -33.90 -25.67
C GLY A 551 -0.60 -33.40 -26.76
N GLY A 552 -0.04 -32.86 -27.83
CA GLY A 552 -0.85 -32.32 -28.90
C GLY A 552 -0.08 -31.28 -29.68
N ASP A 553 -0.77 -30.72 -30.69
CA ASP A 553 -0.15 -29.78 -31.63
C ASP A 553 1.20 -30.28 -32.11
N GLY A 554 1.35 -31.60 -32.25
CA GLY A 554 2.57 -32.14 -32.80
C GLY A 554 3.73 -32.31 -31.84
N THR A 555 3.51 -32.17 -30.53
CA THR A 555 4.62 -32.36 -29.60
C THR A 555 4.08 -32.76 -28.23
N THR A 556 5.01 -33.00 -27.32
CA THR A 556 4.71 -33.37 -25.94
C THR A 556 5.49 -32.44 -25.02
N GLN A 557 4.96 -32.21 -23.83
CA GLN A 557 5.68 -31.39 -22.87
C GLN A 557 5.39 -31.89 -21.47
N ILE A 558 6.40 -31.85 -20.61
CA ILE A 558 6.23 -32.12 -19.19
C ILE A 558 6.49 -30.84 -18.42
N LEU A 559 5.50 -30.42 -17.65
CA LEU A 559 5.61 -29.26 -16.76
C LEU A 559 5.44 -29.80 -15.34
N SER A 560 6.54 -30.21 -14.74
CA SER A 560 6.51 -30.82 -13.42
C SER A 560 7.51 -30.12 -12.51
N GLY A 561 7.31 -30.31 -11.21
CA GLY A 561 8.27 -29.83 -10.23
C GLY A 561 8.27 -30.70 -8.98
N ASP A 562 9.45 -30.92 -8.40
CA ASP A 562 9.55 -31.63 -7.14
C ASP A 562 9.17 -30.70 -6.00
N LEU A 563 8.29 -31.17 -5.12
CA LEU A 563 7.85 -30.32 -4.02
C LEU A 563 8.91 -30.31 -2.92
N PRO A 564 9.18 -29.15 -2.32
CA PRO A 564 9.97 -29.12 -1.08
C PRO A 564 9.24 -29.88 0.00
N ASN A 565 10.01 -30.46 0.93
CA ASN A 565 9.40 -31.36 1.91
C ASN A 565 8.25 -30.69 2.65
N ASP A 566 8.39 -29.42 3.00
CA ASP A 566 7.34 -28.75 3.77
C ASP A 566 6.06 -28.52 2.96
N LEU A 567 6.08 -28.72 1.64
CA LEU A 567 4.88 -28.54 0.84
C LEU A 567 4.26 -29.86 0.40
N LYS A 568 4.79 -30.99 0.85
CA LYS A 568 4.29 -32.28 0.41
C LYS A 568 2.85 -32.50 0.87
N LEU A 569 2.09 -33.24 0.06
CA LEU A 569 0.77 -33.68 0.47
C LEU A 569 0.87 -34.72 1.57
N GLN A 570 -0.05 -34.68 2.51
CA GLN A 570 -0.04 -35.57 3.66
C GLN A 570 -1.12 -36.62 3.52
N SER A 571 -0.75 -37.88 3.76
CA SER A 571 -1.71 -38.98 3.67
C SER A 571 -2.92 -38.72 4.57
N GLY A 572 -4.12 -38.96 4.04
CA GLY A 572 -5.33 -38.82 4.80
C GLY A 572 -5.85 -37.41 4.98
N VAL A 573 -5.17 -36.42 4.43
CA VAL A 573 -5.60 -35.03 4.53
C VAL A 573 -6.39 -34.68 3.27
N PRO A 574 -7.53 -34.01 3.38
CA PRO A 574 -8.27 -33.63 2.18
C PRO A 574 -7.69 -32.38 1.52
N TYR A 575 -7.60 -32.43 0.19
CA TYR A 575 -7.13 -31.31 -0.61
C TYR A 575 -8.15 -30.98 -1.68
N HIS A 576 -8.37 -29.68 -1.90
CA HIS A 576 -9.10 -29.28 -3.10
C HIS A 576 -8.08 -29.15 -4.22
N ILE A 577 -8.28 -29.93 -5.27
CA ILE A 577 -7.36 -30.03 -6.39
C ILE A 577 -8.10 -29.54 -7.63
N ALA A 578 -7.58 -28.49 -8.25
CA ALA A 578 -8.28 -27.80 -9.32
C ALA A 578 -7.32 -27.49 -10.44
N ILE A 579 -7.81 -27.58 -11.68
CA ILE A 579 -7.06 -27.11 -12.84
C ILE A 579 -7.99 -26.25 -13.70
N GLY A 580 -7.39 -25.27 -14.36
CA GLY A 580 -7.98 -24.62 -15.50
C GLY A 580 -7.14 -24.95 -16.73
N ALA A 581 -7.82 -25.35 -17.80
CA ALA A 581 -7.15 -25.77 -19.02
C ALA A 581 -7.87 -25.18 -20.22
N LYS A 582 -7.11 -24.48 -21.06
CA LYS A 582 -7.60 -23.95 -22.32
C LYS A 582 -6.40 -23.74 -23.22
N PRO A 583 -6.61 -23.54 -24.53
CA PRO A 583 -5.47 -23.29 -25.41
C PRO A 583 -4.60 -22.18 -24.85
N GLY A 584 -3.31 -22.49 -24.71
CA GLY A 584 -2.33 -21.52 -24.25
C GLY A 584 -2.40 -21.11 -22.79
N TYR A 585 -3.09 -21.86 -21.93
CA TYR A 585 -3.33 -21.38 -20.57
C TYR A 585 -3.69 -22.56 -19.68
N PHE A 586 -2.76 -22.96 -18.81
CA PHE A 586 -2.97 -24.09 -17.92
C PHE A 586 -2.51 -23.72 -16.52
N TRP A 587 -3.36 -23.97 -15.53
CA TRP A 587 -2.98 -23.73 -14.14
C TRP A 587 -3.53 -24.86 -13.28
N TRP A 588 -2.81 -25.16 -12.20
CA TRP A 588 -3.27 -26.15 -11.25
C TRP A 588 -3.03 -25.61 -9.85
N SER A 589 -3.84 -26.12 -8.91
CA SER A 589 -3.81 -25.64 -7.53
C SER A 589 -4.17 -26.80 -6.62
N ILE A 590 -3.43 -26.95 -5.54
CA ILE A 590 -3.68 -27.98 -4.53
C ILE A 590 -3.82 -27.27 -3.19
N LEU A 591 -4.99 -27.43 -2.56
CA LEU A 591 -5.37 -26.63 -1.40
C LEU A 591 -5.69 -27.55 -0.23
N ASN A 592 -4.89 -27.44 0.84
CA ASN A 592 -5.13 -28.18 2.07
C ASN A 592 -6.35 -27.58 2.78
N ILE A 593 -7.47 -28.33 2.81
CA ILE A 593 -8.70 -27.71 3.29
C ILE A 593 -8.75 -27.63 4.81
N GLN A 594 -7.79 -28.23 5.51
CA GLN A 594 -7.77 -28.12 6.96
C GLN A 594 -6.90 -26.97 7.45
N THR A 595 -5.87 -26.58 6.69
CA THR A 595 -5.03 -25.45 7.05
C THR A 595 -5.20 -24.24 6.14
N GLY A 596 -5.90 -24.39 5.01
CA GLY A 596 -6.02 -23.31 4.05
C GLY A 596 -4.76 -23.00 3.25
N LYS A 597 -3.70 -23.78 3.43
CA LYS A 597 -2.46 -23.53 2.70
C LYS A 597 -2.54 -24.12 1.30
N ARG A 598 -2.08 -23.34 0.32
CA ARG A 598 -2.23 -23.66 -1.10
C ARG A 598 -0.86 -23.70 -1.76
N ILE A 599 -0.70 -24.63 -2.70
CA ILE A 599 0.40 -24.61 -3.65
C ILE A 599 -0.19 -24.61 -5.05
N ARG A 600 0.59 -24.15 -6.02
CA ARG A 600 0.01 -23.88 -7.33
C ARG A 600 1.11 -23.59 -8.33
N ARG A 601 0.76 -23.76 -9.61
CA ARG A 601 1.59 -23.29 -10.71
C ARG A 601 0.68 -22.94 -11.88
N SER A 602 1.20 -22.09 -12.77
CA SER A 602 0.43 -21.57 -13.88
C SER A 602 1.36 -21.43 -15.09
N PHE A 603 0.88 -21.84 -16.26
CA PHE A 603 1.72 -21.93 -17.45
C PHE A 603 1.07 -21.20 -18.61
N ARG A 604 1.72 -20.12 -19.06
CA ARG A 604 1.31 -19.38 -20.24
C ARG A 604 2.57 -18.91 -20.97
N GLY A 605 2.37 -18.45 -22.20
CA GLY A 605 3.46 -17.80 -22.91
C GLY A 605 4.64 -18.74 -23.10
N ALA A 606 5.83 -18.25 -22.72
CA ALA A 606 7.05 -18.96 -23.04
C ALA A 606 7.19 -20.29 -22.30
N TYR A 607 6.41 -20.51 -21.23
CA TYR A 607 6.51 -21.80 -20.55
C TYR A 607 5.90 -22.93 -21.38
N LEU A 608 5.06 -22.60 -22.36
CA LEU A 608 4.41 -23.60 -23.19
C LEU A 608 5.13 -23.70 -24.53
N ALA A 609 5.47 -24.93 -24.92
CA ALA A 609 6.09 -25.16 -26.23
C ALA A 609 5.14 -24.78 -27.35
N VAL A 610 3.87 -25.14 -27.21
CA VAL A 610 2.79 -24.78 -28.13
C VAL A 610 1.57 -24.48 -27.28
N PRO A 611 0.54 -23.84 -27.85
CA PRO A 611 -0.69 -23.65 -27.08
C PRO A 611 -1.47 -24.93 -26.82
N PHE A 612 -1.13 -26.03 -27.49
CA PHE A 612 -1.85 -27.30 -27.36
C PHE A 612 -3.31 -27.13 -27.75
N ASN A 613 -3.55 -26.43 -28.87
CA ASN A 613 -4.87 -26.27 -29.43
C ASN A 613 -5.62 -27.61 -29.56
N SER A 614 -4.91 -28.65 -30.03
CA SER A 614 -5.59 -29.90 -30.39
C SER A 614 -6.08 -30.69 -29.17
N ILE A 615 -5.71 -30.29 -27.96
CA ILE A 615 -6.36 -30.87 -26.78
C ILE A 615 -7.82 -30.45 -26.71
N PHE A 616 -8.18 -29.36 -27.39
CA PHE A 616 -9.48 -28.72 -27.23
C PHE A 616 -10.28 -28.77 -28.53
N GLY A 617 -10.07 -29.82 -29.32
CA GLY A 617 -10.77 -29.98 -30.57
C GLY A 617 -12.06 -30.77 -30.46
N LEU A 618 -12.64 -30.84 -29.27
CA LEU A 618 -13.88 -31.57 -29.04
C LEU A 618 -13.73 -33.06 -29.34
N THR A 619 -12.57 -33.63 -29.06
CA THR A 619 -12.34 -35.06 -29.22
C THR A 619 -11.86 -35.75 -27.95
N SER A 620 -11.39 -35.02 -26.95
CA SER A 620 -10.81 -35.63 -25.76
C SER A 620 -11.76 -35.42 -24.58
N SER A 621 -12.13 -36.52 -23.94
CA SER A 621 -13.14 -36.49 -22.89
C SER A 621 -12.51 -36.23 -21.53
N LEU A 622 -13.35 -35.84 -20.57
CA LEU A 622 -12.91 -35.48 -19.23
C LEU A 622 -13.00 -36.70 -18.32
N THR A 623 -11.96 -36.92 -17.51
CA THR A 623 -11.95 -38.02 -16.57
C THR A 623 -11.38 -37.56 -15.23
N PHE A 624 -11.99 -38.02 -14.15
CA PHE A 624 -11.51 -37.78 -12.80
C PHE A 624 -10.94 -39.06 -12.22
N PHE A 625 -9.76 -38.95 -11.60
CA PHE A 625 -9.09 -40.00 -10.84
C PHE A 625 -8.40 -41.00 -11.75
N SER A 626 -8.40 -40.79 -13.07
CA SER A 626 -7.67 -41.59 -14.05
C SER A 626 -7.76 -40.89 -15.39
N ASP A 627 -7.50 -41.58 -16.50
CA ASP A 627 -7.85 -41.01 -17.79
C ASP A 627 -8.86 -41.93 -18.47
N SER A 628 -9.21 -41.61 -19.72
CA SER A 628 -10.29 -42.28 -20.43
C SER A 628 -9.90 -43.66 -20.95
N ASN A 629 -8.66 -44.08 -20.71
CA ASN A 629 -8.15 -45.35 -21.20
C ASN A 629 -8.20 -46.40 -20.09
N ALA A 630 -8.52 -47.64 -20.46
CA ALA A 630 -8.68 -48.68 -19.45
C ALA A 630 -7.39 -48.94 -18.67
N GLY A 631 -6.23 -48.71 -19.28
CA GLY A 631 -4.98 -49.00 -18.63
C GLY A 631 -4.34 -47.86 -17.87
N GLY A 632 -4.94 -46.67 -17.88
CA GLY A 632 -4.31 -45.54 -17.22
C GLY A 632 -4.11 -45.76 -15.74
N ASP A 633 -3.13 -45.06 -15.18
CA ASP A 633 -2.98 -44.99 -13.73
C ASP A 633 -4.20 -44.33 -13.11
N ALA A 634 -4.49 -44.69 -11.85
CA ALA A 634 -5.60 -44.09 -11.13
C ALA A 634 -5.09 -43.41 -9.86
N CYS A 635 -5.82 -43.54 -8.75
CA CYS A 635 -5.49 -42.90 -7.50
C CYS A 635 -5.67 -43.87 -6.34
N SER A 636 -5.14 -43.47 -5.18
CA SER A 636 -5.35 -44.16 -3.92
C SER A 636 -5.89 -43.16 -2.90
N GLY A 637 -7.00 -43.49 -2.26
CA GLY A 637 -7.62 -42.60 -1.31
C GLY A 637 -9.11 -42.45 -1.55
N VAL A 638 -9.62 -41.22 -1.42
CA VAL A 638 -11.05 -40.97 -1.54
C VAL A 638 -11.24 -39.70 -2.36
N GLY A 639 -12.32 -39.68 -3.14
CA GLY A 639 -12.71 -38.50 -3.89
C GLY A 639 -14.09 -37.99 -3.50
N ALA A 640 -14.33 -36.71 -3.71
CA ALA A 640 -15.61 -36.12 -3.37
C ALA A 640 -15.76 -34.79 -4.08
N LYS A 641 -17.01 -34.33 -4.22
CA LYS A 641 -17.31 -33.00 -4.70
C LYS A 641 -16.56 -32.69 -6.00
N VAL A 642 -16.80 -33.57 -6.98
CA VAL A 642 -16.23 -33.39 -8.32
C VAL A 642 -16.96 -32.27 -9.04
N TYR A 643 -16.19 -31.34 -9.60
CA TYR A 643 -16.73 -30.16 -10.28
C TYR A 643 -16.20 -30.07 -11.69
N VAL A 644 -17.10 -29.90 -12.65
CA VAL A 644 -16.72 -29.51 -14.00
C VAL A 644 -17.40 -28.18 -14.29
N GLY A 645 -16.61 -27.21 -14.75
CA GLY A 645 -17.16 -25.95 -15.21
C GLY A 645 -16.43 -25.52 -16.47
N MET A 646 -17.02 -24.52 -17.14
CA MET A 646 -16.26 -23.87 -18.20
C MET A 646 -15.10 -23.10 -17.59
N PHE A 647 -14.17 -22.67 -18.44
CA PHE A 647 -12.88 -22.17 -17.98
C PHE A 647 -13.01 -21.02 -16.98
N SER A 648 -12.33 -21.15 -15.85
CA SER A 648 -12.09 -20.05 -14.92
C SER A 648 -10.60 -19.80 -14.78
N SER A 649 -10.24 -18.53 -14.76
CA SER A 649 -8.87 -18.15 -14.41
C SER A 649 -8.55 -18.59 -12.98
N GLU A 650 -7.26 -18.68 -12.67
CA GLU A 650 -6.91 -18.91 -11.28
C GLU A 650 -7.36 -17.75 -10.40
N ASN A 651 -7.35 -16.54 -10.96
CA ASN A 651 -7.94 -15.38 -10.31
C ASN A 651 -9.33 -15.70 -9.76
N ASP A 652 -10.24 -16.13 -10.64
CA ASP A 652 -11.60 -16.44 -10.19
C ASP A 652 -11.63 -17.64 -9.27
N TYR A 653 -10.77 -18.64 -9.51
CA TYR A 653 -10.73 -19.79 -8.62
C TYR A 653 -10.42 -19.35 -7.19
N VAL A 654 -9.34 -18.58 -7.02
CA VAL A 654 -8.95 -18.14 -5.68
C VAL A 654 -10.04 -17.28 -5.07
N ALA A 655 -10.56 -16.32 -5.86
CA ALA A 655 -11.66 -15.49 -5.38
C ALA A 655 -12.78 -16.33 -4.78
N SER A 656 -13.22 -17.37 -5.51
CA SER A 656 -14.30 -18.20 -5.01
C SER A 656 -13.89 -19.00 -3.78
N ARG A 657 -12.60 -19.25 -3.58
CA ARG A 657 -12.18 -19.97 -2.37
C ARG A 657 -12.46 -19.16 -1.11
N TYR A 658 -12.49 -17.83 -1.20
CA TYR A 658 -12.85 -17.02 -0.04
C TYR A 658 -14.30 -17.25 0.39
N TYR A 659 -15.15 -17.76 -0.49
CA TYR A 659 -16.48 -18.17 -0.08
C TYR A 659 -16.44 -19.49 0.68
N ASN A 660 -15.58 -20.40 0.23
CA ASN A 660 -15.65 -21.78 0.68
C ASN A 660 -14.55 -22.58 -0.02
N LEU A 661 -13.81 -23.40 0.74
CA LEU A 661 -12.63 -24.03 0.17
C LEU A 661 -12.96 -25.16 -0.81
N ILE A 662 -14.15 -25.75 -0.74
CA ILE A 662 -14.42 -26.96 -1.50
C ILE A 662 -15.64 -26.86 -2.41
N ASN A 663 -16.33 -25.72 -2.45
CA ASN A 663 -17.53 -25.62 -3.26
C ASN A 663 -17.21 -25.43 -4.75
N PRO A 664 -18.22 -25.58 -5.61
CA PRO A 664 -18.05 -25.27 -7.03
C PRO A 664 -17.44 -23.88 -7.23
N VAL A 665 -16.72 -23.72 -8.35
CA VAL A 665 -15.96 -22.50 -8.60
C VAL A 665 -16.89 -21.35 -9.02
N ASP A 666 -17.73 -21.58 -10.02
CA ASP A 666 -18.49 -20.50 -10.66
C ASP A 666 -19.85 -21.04 -11.06
N PRO A 667 -20.90 -20.76 -10.28
CA PRO A 667 -22.23 -21.29 -10.62
C PRO A 667 -22.67 -21.00 -12.06
N THR A 668 -22.31 -19.84 -12.62
CA THR A 668 -22.74 -19.53 -13.98
C THR A 668 -21.98 -20.33 -15.03
N LYS A 669 -20.89 -21.00 -14.64
CA LYS A 669 -20.12 -21.84 -15.55
C LYS A 669 -20.22 -23.32 -15.19
N LEU A 670 -21.02 -23.69 -14.20
CA LEU A 670 -21.06 -25.06 -13.71
C LEU A 670 -21.66 -25.99 -14.74
N ILE A 671 -20.94 -27.07 -15.04
CA ILE A 671 -21.41 -28.10 -15.95
C ILE A 671 -21.76 -29.39 -15.23
N SER A 672 -21.06 -29.72 -14.15
CA SER A 672 -21.32 -30.91 -13.37
C SER A 672 -20.80 -30.68 -11.96
N TYR A 673 -21.52 -31.23 -10.98
CA TYR A 673 -21.09 -31.19 -9.60
C TYR A 673 -21.64 -32.42 -8.91
N ARG A 674 -20.76 -33.37 -8.57
CA ARG A 674 -21.16 -34.64 -7.96
C ARG A 674 -20.56 -34.73 -6.56
N ILE A 675 -21.44 -34.76 -5.55
CA ILE A 675 -20.97 -34.89 -4.17
C ILE A 675 -20.21 -36.19 -3.97
N LEU A 676 -20.75 -37.29 -4.51
CA LEU A 676 -20.19 -38.63 -4.36
C LEU A 676 -20.36 -39.18 -2.95
N ASP A 677 -21.41 -38.74 -2.24
CA ASP A 677 -21.70 -39.28 -0.90
C ASP A 677 -22.62 -40.49 -1.06
N SER A 678 -22.02 -41.62 -1.45
CA SER A 678 -22.73 -42.87 -1.66
C SER A 678 -23.60 -42.85 -2.92
N SER A 679 -23.29 -41.96 -3.86
CA SER A 679 -23.94 -41.95 -5.16
C SER A 679 -22.96 -41.35 -6.16
N ILE A 680 -23.28 -41.49 -7.44
CA ILE A 680 -22.45 -40.94 -8.49
C ILE A 680 -23.15 -39.73 -9.11
C1 FUC B . 9.68 -0.41 -3.56
C2 FUC B . 10.76 -1.08 -2.73
C3 FUC B . 12.06 -0.53 -3.22
C4 FUC B . 12.15 0.98 -2.82
C5 FUC B . 11.05 1.67 -3.65
C6 FUC B . 10.83 3.12 -3.29
O1 FUC B . 9.88 -0.93 -4.87
O2 FUC B . 10.74 -2.51 -2.85
O3 FUC B . 13.21 -1.37 -2.89
O4 FUC B . 11.90 1.21 -1.43
O5 FUC B . 9.74 1.01 -3.50
O3 9WJ B . 16.07 -2.50 0.74
C3 9WJ B . 15.23 -1.54 0.09
C4 9WJ B . 15.95 -0.18 -0.06
C7 9WJ B . 17.18 0.96 1.61
O7 9WJ B . 18.17 0.88 0.89
C8 9WJ B . 17.21 1.58 2.98
C6 9WJ B . 16.13 2.03 -1.34
C5 9WJ B . 15.31 0.78 -1.07
O5 9WJ B . 15.03 0.08 -2.28
C1 9WJ B . 14.07 -0.89 -1.85
C2 9WJ B . 14.91 -2.05 -1.29
O2 9WJ B . 16.20 -2.24 -1.92
N4 9WJ B . 16.01 0.48 1.21
O5 A2G B . 16.20 -2.82 -4.25
C1 A2G B . 16.27 -3.30 -2.88
C2 A2G B . 17.57 -4.10 -2.73
N2 A2G B . 17.69 -4.65 -1.35
C3 A2G B . 18.80 -3.33 -3.03
O3 A2G B . 19.91 -4.30 -3.20
C4 A2G B . 18.69 -2.51 -4.26
O4 A2G B . 19.01 -3.33 -5.38
C5 A2G B . 17.30 -1.87 -4.46
C6 A2G B . 17.20 -1.28 -5.84
O6 A2G B . 17.95 -0.11 -5.90
C7 A2G B . 17.63 -6.09 -1.22
O7 A2G B . 17.49 -6.76 -2.19
C8 A2G B . 17.73 -6.74 0.15
C2 BGC B . 22.18 -4.66 -2.45
C3 BGC B . 23.51 -4.03 -2.17
C4 BGC B . 24.07 -3.31 -3.36
C5 BGC B . 23.05 -2.42 -4.09
C6 BGC B . 23.63 -1.98 -5.40
C1 BGC B . 21.19 -3.66 -3.03
O2 BGC B . 21.65 -5.20 -1.21
O3 BGC B . 24.44 -5.06 -1.77
O4 BGC B . 25.16 -2.48 -2.93
O5 BGC B . 21.74 -3.08 -4.31
O6 BGC B . 22.69 -2.15 -6.43
C1 PGE C . -20.58 16.18 9.83
O1 PGE C . -20.07 16.34 8.51
C2 PGE C . -19.98 14.95 10.45
O2 PGE C . -20.06 13.88 9.53
C3 PGE C . -18.81 13.52 8.98
C4 PGE C . -18.53 12.09 9.37
O4 PGE C . -16.84 9.80 12.47
C6 PGE C . -17.02 9.84 11.06
C5 PGE C . -16.67 11.24 10.54
O3 PGE C . -17.81 12.06 10.58
C1 PGE D . -6.21 -20.47 9.31
O1 PGE D . -6.41 -20.35 10.71
C2 PGE D . -7.22 -21.47 8.77
O2 PGE D . -7.40 -21.31 7.39
C3 PGE D . -8.72 -21.62 6.97
C4 PGE D . -8.81 -23.10 6.67
O4 PGE D . -11.08 -24.58 10.45
C6 PGE D . -10.45 -25.06 9.27
C5 PGE D . -9.54 -23.97 8.74
O3 PGE D . -9.88 -23.67 7.40
C1 PGE E . -6.60 -2.91 15.67
O1 PGE E . -5.70 -2.49 16.69
C2 PGE E . -7.87 -2.07 15.75
O2 PGE E . -7.51 -0.73 16.01
C3 PGE E . -8.62 0.12 16.14
C4 PGE E . -8.18 1.41 16.83
O4 PGE E . -5.08 3.43 15.25
C6 PGE E . -6.24 4.23 15.49
C5 PGE E . -7.17 3.49 16.43
O3 PGE E . -7.48 2.21 15.90
C1 PGE F . 1.62 41.57 10.92
O1 PGE F . 1.87 42.85 11.45
C2 PGE F . 0.55 40.87 11.76
O2 PGE F . 0.37 39.54 11.31
C3 PGE F . -0.10 39.39 9.98
C4 PGE F . -1.49 39.98 9.84
O4 PGE F . -4.52 36.39 9.94
C6 PGE F . -4.45 37.77 9.59
C5 PGE F . -3.22 38.41 10.24
O3 PGE F . -2.38 39.02 9.28
C1 PGE G . -20.29 -2.99 10.37
O1 PGE G . -20.20 -4.14 11.19
C2 PGE G . -20.54 -1.76 11.22
O2 PGE G . -19.76 -0.70 10.71
C3 PGE G . -19.81 0.50 11.48
C4 PGE G . -19.18 0.26 12.83
O4 PGE G . -21.35 2.45 16.19
C6 PGE G . -20.74 2.50 14.89
C5 PGE G . -19.62 1.48 14.82
O3 PGE G . -19.09 1.50 13.51
O1 PG4 H . 9.15 -30.02 -32.19
C1 PG4 H . 9.74 -30.42 -30.98
C2 PG4 H . 11.14 -29.84 -30.86
O2 PG4 H . 11.46 -29.61 -29.50
C3 PG4 H . 11.00 -28.37 -29.03
C4 PG4 H . 11.33 -28.17 -27.55
O3 PG4 H . 10.50 -27.15 -27.04
C5 PG4 H . 11.08 -25.87 -27.02
C6 PG4 H . 10.05 -24.79 -27.37
O4 PG4 H . 10.30 -24.26 -28.65
C7 PG4 H . 10.87 -22.98 -28.66
C8 PG4 H . 11.52 -22.68 -30.02
O5 PG4 H . 10.56 -22.78 -31.05
O1 PG4 I . 0.55 -25.51 8.73
C1 PG4 I . 1.42 -24.64 9.41
C2 PG4 I . 0.65 -23.58 10.19
O2 PG4 I . 0.91 -22.30 9.68
C3 PG4 I . 2.20 -21.81 9.97
C4 PG4 I . 2.42 -20.44 9.32
O3 PG4 I . 2.91 -20.58 8.01
C5 PG4 I . 4.31 -20.60 7.89
C6 PG4 I . 4.68 -21.00 6.46
O4 PG4 I . 6.07 -21.16 6.31
C7 PG4 I . 6.84 -20.00 6.46
C8 PG4 I . 8.26 -20.39 6.88
O5 PG4 I . 9.12 -19.29 6.78
S SO4 J . -17.02 -16.84 9.59
O1 SO4 J . -16.84 -15.87 8.51
O2 SO4 J . -16.86 -16.17 10.88
O3 SO4 J . -18.36 -17.42 9.50
O4 SO4 J . -16.02 -17.89 9.45
C1 EDO K . 20.52 9.98 18.82
O1 EDO K . 21.41 11.07 19.10
C2 EDO K . 19.09 10.43 19.06
O2 EDO K . 19.09 11.41 20.09
C1 EDO L . -3.82 35.73 16.02
O1 EDO L . -3.90 34.91 17.19
C2 EDO L . -5.05 35.52 15.14
O2 EDO L . -5.13 36.56 14.17
C1 EDO M . -17.25 -20.28 5.38
O1 EDO M . -17.56 -21.29 4.40
C2 EDO M . -16.61 -20.93 6.60
O2 EDO M . -16.05 -19.92 7.43
C1 EDO N . 24.92 29.99 5.81
O1 EDO N . 25.29 30.30 7.16
C2 EDO N . 24.58 31.27 5.05
O2 EDO N . 25.76 31.80 4.43
C1 EDO O . -1.91 -40.84 -29.83
O1 EDO O . -1.87 -40.94 -31.26
C2 EDO O . -1.47 -42.15 -29.20
O2 EDO O . -1.08 -41.91 -27.84
C1 EDO P . -21.54 -25.38 -22.43
O1 EDO P . -20.74 -26.13 -23.35
C2 EDO P . -23.02 -25.46 -22.81
O2 EDO P . -23.51 -26.78 -22.60
H11 EDO P . -21.41 -25.77 -21.42
H12 EDO P . -21.21 -24.33 -22.43
HO1 EDO P . -19.81 -26.07 -23.10
H21 EDO P . -23.59 -24.75 -22.21
H22 EDO P . -23.14 -25.17 -23.87
HO2 EDO P . -24.45 -26.82 -22.85
NA NA Q . 25.59 54.18 -2.99
K K R . -8.80 8.34 -9.66
CL CL S . -12.58 -36.17 11.23
CL CL T . -11.26 -32.92 9.45
CL CL U . 31.97 43.39 12.01
#